data_5Z0W
# 
_entry.id   5Z0W 
# 
_audit_conform.dict_name       mmcif_pdbx.dic 
_audit_conform.dict_version    5.380 
_audit_conform.dict_location   http://mmcif.pdb.org/dictionaries/ascii/mmcif_pdbx.dic 
# 
loop_
_database_2.database_id 
_database_2.database_code 
_database_2.pdbx_database_accession 
_database_2.pdbx_DOI 
PDB   5Z0W         pdb_00005z0w 10.2210/pdb5z0w/pdb 
WWPDB D_1300005959 ?            ?                   
# 
_pdbx_database_status.status_code                     REL 
_pdbx_database_status.status_code_sf                  REL 
_pdbx_database_status.status_code_mr                  ? 
_pdbx_database_status.entry_id                        5Z0W 
_pdbx_database_status.recvd_initial_deposition_date   2017-12-21 
_pdbx_database_status.SG_entry                        N 
_pdbx_database_status.deposit_site                    PDBJ 
_pdbx_database_status.process_site                    PDBJ 
_pdbx_database_status.status_code_cs                  ? 
_pdbx_database_status.methods_development_category    ? 
_pdbx_database_status.pdb_format_compatible           Y 
_pdbx_database_status.status_code_nmr_data            ? 
# 
loop_
_audit_author.name 
_audit_author.pdbx_ordinal 
_audit_author.identifier_ORCID 
'Liu, Z.X.' 1 ? 
'Qin, B.'   2 ? 
'Cui, S.'   3 ? 
# 
_citation.abstract                  ? 
_citation.abstract_id_CAS           ? 
_citation.book_id_ISBN              ? 
_citation.book_publisher            ? 
_citation.book_publisher_city       ? 
_citation.book_title                ? 
_citation.coordinate_linkage        ? 
_citation.country                   US 
_citation.database_id_Medline       ? 
_citation.details                   ? 
_citation.id                        primary 
_citation.journal_abbrev            'J. Virol.' 
_citation.journal_id_ASTM           JOVIAM 
_citation.journal_id_CSD            0825 
_citation.journal_id_ISSN           1098-5514 
_citation.journal_full              ? 
_citation.journal_issue             ? 
_citation.journal_volume            92 
_citation.language                  ? 
_citation.page_first                ? 
_citation.page_last                 ? 
_citation.title                     
'Mechanism of HIV-1 Resistance to an Electronically Constrained alpha-Helical Peptide Membrane Fusion Inhibitor' 
_citation.year                      2018 
_citation.database_id_CSD           ? 
_citation.pdbx_database_id_DOI      10.1128/JVI.02044-17 
_citation.pdbx_database_id_PubMed   29321334 
_citation.unpublished_flag          ? 
# 
loop_
_citation_author.citation_id 
_citation_author.name 
_citation_author.ordinal 
_citation_author.identifier_ORCID 
primary 'Wu, X.'    1  ? 
primary 'Liu, Z.'   2  ? 
primary 'Ding, X.'  3  ? 
primary 'Yu, D.'    4  ? 
primary 'Wei, H.'   5  ? 
primary 'Qin, B.'   6  ? 
primary 'Zhu, Y.'   7  ? 
primary 'Chong, H.' 8  ? 
primary 'Cui, S.'   9  ? 
primary 'He, Y.'    10 ? 
# 
_cell.angle_alpha                  90.00 
_cell.angle_alpha_esd              ? 
_cell.angle_beta                   90.00 
_cell.angle_beta_esd               ? 
_cell.angle_gamma                  120.00 
_cell.angle_gamma_esd              ? 
_cell.entry_id                     5Z0W 
_cell.details                      ? 
_cell.formula_units_Z              ? 
_cell.length_a                     56.925 
_cell.length_a_esd                 ? 
_cell.length_b                     56.925 
_cell.length_b_esd                 ? 
_cell.length_c                     51.454 
_cell.length_c_esd                 ? 
_cell.volume                       ? 
_cell.volume_esd                   ? 
_cell.Z_PDB                        9 
_cell.reciprocal_angle_alpha       ? 
_cell.reciprocal_angle_beta        ? 
_cell.reciprocal_angle_gamma       ? 
_cell.reciprocal_angle_alpha_esd   ? 
_cell.reciprocal_angle_beta_esd    ? 
_cell.reciprocal_angle_gamma_esd   ? 
_cell.reciprocal_length_a          ? 
_cell.reciprocal_length_b          ? 
_cell.reciprocal_length_c          ? 
_cell.reciprocal_length_a_esd      ? 
_cell.reciprocal_length_b_esd      ? 
_cell.reciprocal_length_c_esd      ? 
_cell.pdbx_unique_axis             ? 
# 
_symmetry.entry_id                         5Z0W 
_symmetry.cell_setting                     ? 
_symmetry.Int_Tables_number                146 
_symmetry.space_group_name_Hall            ? 
_symmetry.space_group_name_H-M             'H 3' 
_symmetry.pdbx_full_space_group_name_H-M   ? 
# 
loop_
_entity.id 
_entity.type 
_entity.src_method 
_entity.pdbx_description 
_entity.formula_weight 
_entity.pdbx_number_of_molecules 
_entity.pdbx_ec 
_entity.pdbx_mutation 
_entity.pdbx_fragment 
_entity.details 
1 polymer syn peptide-N 4126.805 1  ? ? ? ? 
2 polymer syn peptide-C 3746.219 1  ? ? ? ? 
3 water   nat water     18.015   23 ? ? ? ? 
# 
loop_
_entity_poly.entity_id 
_entity_poly.type 
_entity_poly.nstd_linkage 
_entity_poly.nstd_monomer 
_entity_poly.pdbx_seq_one_letter_code 
_entity_poly.pdbx_seq_one_letter_code_can 
_entity_poly.pdbx_strand_id 
_entity_poly.pdbx_target_identifier 
1 'polypeptide(L)' no no SGIVQQQNNLLRAIEAQQHLLQLTVWGIKQLQARIL SGIVQQQNNLLRAIEAQQHLLQLTVWGIKQLQARIL E ? 
2 'polypeptide(L)' no no WEEWDKKIEEYTKKIEELIKKSEEQQKKN        WEEWDKKIEEYTKKIEELIKKSEEQQKKN        F ? 
# 
loop_
_entity_poly_seq.entity_id 
_entity_poly_seq.num 
_entity_poly_seq.mon_id 
_entity_poly_seq.hetero 
1 1  SER n 
1 2  GLY n 
1 3  ILE n 
1 4  VAL n 
1 5  GLN n 
1 6  GLN n 
1 7  GLN n 
1 8  ASN n 
1 9  ASN n 
1 10 LEU n 
1 11 LEU n 
1 12 ARG n 
1 13 ALA n 
1 14 ILE n 
1 15 GLU n 
1 16 ALA n 
1 17 GLN n 
1 18 GLN n 
1 19 HIS n 
1 20 LEU n 
1 21 LEU n 
1 22 GLN n 
1 23 LEU n 
1 24 THR n 
1 25 VAL n 
1 26 TRP n 
1 27 GLY n 
1 28 ILE n 
1 29 LYS n 
1 30 GLN n 
1 31 LEU n 
1 32 GLN n 
1 33 ALA n 
1 34 ARG n 
1 35 ILE n 
1 36 LEU n 
2 1  TRP n 
2 2  GLU n 
2 3  GLU n 
2 4  TRP n 
2 5  ASP n 
2 6  LYS n 
2 7  LYS n 
2 8  ILE n 
2 9  GLU n 
2 10 GLU n 
2 11 TYR n 
2 12 THR n 
2 13 LYS n 
2 14 LYS n 
2 15 ILE n 
2 16 GLU n 
2 17 GLU n 
2 18 LEU n 
2 19 ILE n 
2 20 LYS n 
2 21 LYS n 
2 22 SER n 
2 23 GLU n 
2 24 GLU n 
2 25 GLN n 
2 26 GLN n 
2 27 LYS n 
2 28 LYS n 
2 29 ASN n 
# 
loop_
_pdbx_entity_src_syn.entity_id 
_pdbx_entity_src_syn.pdbx_src_id 
_pdbx_entity_src_syn.pdbx_alt_source_flag 
_pdbx_entity_src_syn.pdbx_beg_seq_num 
_pdbx_entity_src_syn.pdbx_end_seq_num 
_pdbx_entity_src_syn.organism_scientific 
_pdbx_entity_src_syn.organism_common_name 
_pdbx_entity_src_syn.ncbi_taxonomy_id 
_pdbx_entity_src_syn.details 
1 1 sample 1 36 'Human immunodeficiency virus 1' ? 11676 ? 
2 1 sample 1 29 'Human immunodeficiency virus 1' ? 11676 ? 
# 
loop_
_struct_ref.id 
_struct_ref.db_name 
_struct_ref.db_code 
_struct_ref.pdbx_db_accession 
_struct_ref.pdbx_db_isoform 
_struct_ref.entity_id 
_struct_ref.pdbx_seq_one_letter_code 
_struct_ref.pdbx_align_begin 
1 PDB 5Z0W 5Z0W ? 1 ? 1 
2 PDB 5Z0W 5Z0W ? 2 ? 1 
# 
loop_
_struct_ref_seq.align_id 
_struct_ref_seq.ref_id 
_struct_ref_seq.pdbx_PDB_id_code 
_struct_ref_seq.pdbx_strand_id 
_struct_ref_seq.seq_align_beg 
_struct_ref_seq.pdbx_seq_align_beg_ins_code 
_struct_ref_seq.seq_align_end 
_struct_ref_seq.pdbx_seq_align_end_ins_code 
_struct_ref_seq.pdbx_db_accession 
_struct_ref_seq.db_align_beg 
_struct_ref_seq.pdbx_db_align_beg_ins_code 
_struct_ref_seq.db_align_end 
_struct_ref_seq.pdbx_db_align_end_ins_code 
_struct_ref_seq.pdbx_auth_seq_align_beg 
_struct_ref_seq.pdbx_auth_seq_align_end 
1 1 5Z0W E 1 ? 36 ? 5Z0W 35  ? 70  ? 35  70  
2 2 5Z0W F 1 ? 29 ? 5Z0W 117 ? 145 ? 117 145 
# 
loop_
_chem_comp.id 
_chem_comp.type 
_chem_comp.mon_nstd_flag 
_chem_comp.name 
_chem_comp.pdbx_synonyms 
_chem_comp.formula 
_chem_comp.formula_weight 
ALA 'L-peptide linking' y ALANINE         ? 'C3 H7 N O2'     89.093  
ARG 'L-peptide linking' y ARGININE        ? 'C6 H15 N4 O2 1' 175.209 
ASN 'L-peptide linking' y ASPARAGINE      ? 'C4 H8 N2 O3'    132.118 
ASP 'L-peptide linking' y 'ASPARTIC ACID' ? 'C4 H7 N O4'     133.103 
GLN 'L-peptide linking' y GLUTAMINE       ? 'C5 H10 N2 O3'   146.144 
GLU 'L-peptide linking' y 'GLUTAMIC ACID' ? 'C5 H9 N O4'     147.129 
GLY 'peptide linking'   y GLYCINE         ? 'C2 H5 N O2'     75.067  
HIS 'L-peptide linking' y HISTIDINE       ? 'C6 H10 N3 O2 1' 156.162 
HOH non-polymer         . WATER           ? 'H2 O'           18.015  
ILE 'L-peptide linking' y ISOLEUCINE      ? 'C6 H13 N O2'    131.173 
LEU 'L-peptide linking' y LEUCINE         ? 'C6 H13 N O2'    131.173 
LYS 'L-peptide linking' y LYSINE          ? 'C6 H15 N2 O2 1' 147.195 
SER 'L-peptide linking' y SERINE          ? 'C3 H7 N O3'     105.093 
THR 'L-peptide linking' y THREONINE       ? 'C4 H9 N O3'     119.119 
TRP 'L-peptide linking' y TRYPTOPHAN      ? 'C11 H12 N2 O2'  204.225 
TYR 'L-peptide linking' y TYROSINE        ? 'C9 H11 N O3'    181.189 
VAL 'L-peptide linking' y VALINE          ? 'C5 H11 N O2'    117.146 
# 
_exptl.absorpt_coefficient_mu     ? 
_exptl.absorpt_correction_T_max   ? 
_exptl.absorpt_correction_T_min   ? 
_exptl.absorpt_correction_type    ? 
_exptl.absorpt_process_details    ? 
_exptl.entry_id                   5Z0W 
_exptl.crystals_number            1 
_exptl.details                    ? 
_exptl.method                     'X-RAY DIFFRACTION' 
_exptl.method_details             ? 
# 
_exptl_crystal.colour                      ? 
_exptl_crystal.density_diffrn              ? 
_exptl_crystal.density_Matthews            2.04 
_exptl_crystal.density_method              ? 
_exptl_crystal.density_percent_sol         39.64 
_exptl_crystal.description                 ? 
_exptl_crystal.F_000                       ? 
_exptl_crystal.id                          1 
_exptl_crystal.preparation                 ? 
_exptl_crystal.size_max                    ? 
_exptl_crystal.size_mid                    ? 
_exptl_crystal.size_min                    ? 
_exptl_crystal.size_rad                    ? 
_exptl_crystal.colour_lustre               ? 
_exptl_crystal.colour_modifier             ? 
_exptl_crystal.colour_primary              ? 
_exptl_crystal.density_meas                ? 
_exptl_crystal.density_meas_esd            ? 
_exptl_crystal.density_meas_gt             ? 
_exptl_crystal.density_meas_lt             ? 
_exptl_crystal.density_meas_temp           ? 
_exptl_crystal.density_meas_temp_esd       ? 
_exptl_crystal.density_meas_temp_gt        ? 
_exptl_crystal.density_meas_temp_lt        ? 
_exptl_crystal.pdbx_crystal_image_url      ? 
_exptl_crystal.pdbx_crystal_image_format   ? 
_exptl_crystal.pdbx_mosaicity              ? 
_exptl_crystal.pdbx_mosaicity_esd          ? 
# 
_exptl_crystal_grow.apparatus       ? 
_exptl_crystal_grow.atmosphere      ? 
_exptl_crystal_grow.crystal_id      1 
_exptl_crystal_grow.details         ? 
_exptl_crystal_grow.method          'VAPOR DIFFUSION, HANGING DROP' 
_exptl_crystal_grow.method_ref      ? 
_exptl_crystal_grow.pH              8.0 
_exptl_crystal_grow.pressure        ? 
_exptl_crystal_grow.pressure_esd    ? 
_exptl_crystal_grow.seeding         ? 
_exptl_crystal_grow.seeding_ref     ? 
_exptl_crystal_grow.temp            295 
_exptl_crystal_grow.temp_details    ? 
_exptl_crystal_grow.temp_esd        ? 
_exptl_crystal_grow.time            ? 
_exptl_crystal_grow.pdbx_details    '0.1M Tris-cl PH8.0, 28%w/v PEG4000' 
_exptl_crystal_grow.pdbx_pH_range   ? 
# 
_diffrn.ambient_environment    ? 
_diffrn.ambient_temp           100 
_diffrn.ambient_temp_details   ? 
_diffrn.ambient_temp_esd       ? 
_diffrn.crystal_id             1 
_diffrn.crystal_support        ? 
_diffrn.crystal_treatment      ? 
_diffrn.details                ? 
_diffrn.id                     1 
_diffrn.ambient_pressure       ? 
_diffrn.ambient_pressure_esd   ? 
_diffrn.ambient_pressure_gt    ? 
_diffrn.ambient_pressure_lt    ? 
_diffrn.ambient_temp_gt        ? 
_diffrn.ambient_temp_lt        ? 
# 
_diffrn_detector.details                      ? 
_diffrn_detector.detector                     PIXEL 
_diffrn_detector.diffrn_id                    1 
_diffrn_detector.type                         'DECTRIS PILATUS3 2M' 
_diffrn_detector.area_resol_mean              ? 
_diffrn_detector.dtime                        ? 
_diffrn_detector.pdbx_frames_total            ? 
_diffrn_detector.pdbx_collection_time_total   ? 
_diffrn_detector.pdbx_collection_date         2017-06-09 
# 
_diffrn_radiation.collimation                      ? 
_diffrn_radiation.diffrn_id                        1 
_diffrn_radiation.filter_edge                      ? 
_diffrn_radiation.inhomogeneity                    ? 
_diffrn_radiation.monochromator                    ? 
_diffrn_radiation.polarisn_norm                    ? 
_diffrn_radiation.polarisn_ratio                   ? 
_diffrn_radiation.probe                            ? 
_diffrn_radiation.type                             ? 
_diffrn_radiation.xray_symbol                      ? 
_diffrn_radiation.wavelength_id                    1 
_diffrn_radiation.pdbx_monochromatic_or_laue_m_l   M 
_diffrn_radiation.pdbx_wavelength_list             ? 
_diffrn_radiation.pdbx_wavelength                  ? 
_diffrn_radiation.pdbx_diffrn_protocol             'SINGLE WAVELENGTH' 
_diffrn_radiation.pdbx_analyzer                    ? 
_diffrn_radiation.pdbx_scattering_type             x-ray 
# 
_diffrn_radiation_wavelength.id           1 
_diffrn_radiation_wavelength.wavelength   0.977750 
_diffrn_radiation_wavelength.wt           1.0 
# 
_diffrn_source.current                     ? 
_diffrn_source.details                     ? 
_diffrn_source.diffrn_id                   1 
_diffrn_source.power                       ? 
_diffrn_source.size                        ? 
_diffrn_source.source                      SYNCHROTRON 
_diffrn_source.target                      ? 
_diffrn_source.type                        'SSRF BEAMLINE BL19U1' 
_diffrn_source.voltage                     ? 
_diffrn_source.take-off_angle              ? 
_diffrn_source.pdbx_wavelength_list        0.977750 
_diffrn_source.pdbx_wavelength             ? 
_diffrn_source.pdbx_synchrotron_beamline   BL19U1 
_diffrn_source.pdbx_synchrotron_site       SSRF 
# 
_reflns.B_iso_Wilson_estimate            ? 
_reflns.entry_id                         5Z0W 
_reflns.data_reduction_details           ? 
_reflns.data_reduction_method            ? 
_reflns.d_resolution_high                1.896 
_reflns.d_resolution_low                 35.597 
_reflns.details                          ? 
_reflns.limit_h_max                      ? 
_reflns.limit_h_min                      ? 
_reflns.limit_k_max                      ? 
_reflns.limit_k_min                      ? 
_reflns.limit_l_max                      ? 
_reflns.limit_l_min                      ? 
_reflns.number_all                       ? 
_reflns.number_obs                       4928 
_reflns.observed_criterion               ? 
_reflns.observed_criterion_F_max         ? 
_reflns.observed_criterion_F_min         ? 
_reflns.observed_criterion_I_max         ? 
_reflns.observed_criterion_I_min         ? 
_reflns.observed_criterion_sigma_F       ? 
_reflns.observed_criterion_sigma_I       ? 
_reflns.percent_possible_obs             99.5 
_reflns.R_free_details                   ? 
_reflns.Rmerge_F_all                     ? 
_reflns.Rmerge_F_obs                     ? 
_reflns.Friedel_coverage                 ? 
_reflns.number_gt                        ? 
_reflns.threshold_expression             ? 
_reflns.pdbx_redundancy                  4.53 
_reflns.pdbx_Rmerge_I_obs                0.073 
_reflns.pdbx_Rmerge_I_all                ? 
_reflns.pdbx_Rsym_value                  ? 
_reflns.pdbx_netI_over_av_sigmaI         11.21 
_reflns.pdbx_netI_over_sigmaI            11.21 
_reflns.pdbx_res_netI_over_av_sigmaI_2   ? 
_reflns.pdbx_res_netI_over_sigmaI_2      ? 
_reflns.pdbx_chi_squared                 ? 
_reflns.pdbx_scaling_rejects             ? 
_reflns.pdbx_d_res_high_opt              ? 
_reflns.pdbx_d_res_low_opt               ? 
_reflns.pdbx_d_res_opt_method            ? 
_reflns.phase_calculation_details        ? 
_reflns.pdbx_Rrim_I_all                  ? 
_reflns.pdbx_Rpim_I_all                  ? 
_reflns.pdbx_d_opt                       ? 
_reflns.pdbx_number_measured_all         ? 
_reflns.pdbx_diffrn_id                   1 
_reflns.pdbx_ordinal                     1 
_reflns.pdbx_CC_half                     0.997 
_reflns.pdbx_R_split                     ? 
# 
_reflns_shell.d_res_high                  1.90 
_reflns_shell.d_res_low                   2.01 
_reflns_shell.meanI_over_sigI_all         ? 
_reflns_shell.meanI_over_sigI_obs         1.68 
_reflns_shell.number_measured_all         ? 
_reflns_shell.number_measured_obs         ? 
_reflns_shell.number_possible             ? 
_reflns_shell.number_unique_all           ? 
_reflns_shell.number_unique_obs           768 
_reflns_shell.percent_possible_all        97.3 
_reflns_shell.percent_possible_obs        ? 
_reflns_shell.Rmerge_F_all                ? 
_reflns_shell.Rmerge_F_obs                ? 
_reflns_shell.Rmerge_I_all                ? 
_reflns_shell.Rmerge_I_obs                0.845 
_reflns_shell.meanI_over_sigI_gt          ? 
_reflns_shell.meanI_over_uI_all           ? 
_reflns_shell.meanI_over_uI_gt            ? 
_reflns_shell.number_measured_gt          ? 
_reflns_shell.number_unique_gt            ? 
_reflns_shell.percent_possible_gt         ? 
_reflns_shell.Rmerge_F_gt                 ? 
_reflns_shell.Rmerge_I_gt                 ? 
_reflns_shell.pdbx_redundancy             4.24 
_reflns_shell.pdbx_Rsym_value             ? 
_reflns_shell.pdbx_chi_squared            ? 
_reflns_shell.pdbx_netI_over_sigmaI_all   ? 
_reflns_shell.pdbx_netI_over_sigmaI_obs   ? 
_reflns_shell.pdbx_Rrim_I_all             ? 
_reflns_shell.pdbx_Rpim_I_all             ? 
_reflns_shell.pdbx_rejects                ? 
_reflns_shell.pdbx_ordinal                1 
_reflns_shell.pdbx_diffrn_id              1 
_reflns_shell.pdbx_CC_half                0.741 
_reflns_shell.pdbx_R_split                ? 
# 
_refine.aniso_B[1][1]                            ? 
_refine.aniso_B[1][2]                            ? 
_refine.aniso_B[1][3]                            ? 
_refine.aniso_B[2][2]                            ? 
_refine.aniso_B[2][3]                            ? 
_refine.aniso_B[3][3]                            ? 
_refine.B_iso_max                                ? 
_refine.B_iso_mean                               ? 
_refine.B_iso_min                                ? 
_refine.correlation_coeff_Fo_to_Fc               ? 
_refine.correlation_coeff_Fo_to_Fc_free          ? 
_refine.details                                  ? 
_refine.diff_density_max                         ? 
_refine.diff_density_max_esd                     ? 
_refine.diff_density_min                         ? 
_refine.diff_density_min_esd                     ? 
_refine.diff_density_rms                         ? 
_refine.diff_density_rms_esd                     ? 
_refine.entry_id                                 5Z0W 
_refine.pdbx_refine_id                           'X-RAY DIFFRACTION' 
_refine.ls_abs_structure_details                 ? 
_refine.ls_abs_structure_Flack                   ? 
_refine.ls_abs_structure_Flack_esd               ? 
_refine.ls_abs_structure_Rogers                  ? 
_refine.ls_abs_structure_Rogers_esd              ? 
_refine.ls_d_res_high                            1.896 
_refine.ls_d_res_low                             35.597 
_refine.ls_extinction_coef                       ? 
_refine.ls_extinction_coef_esd                   ? 
_refine.ls_extinction_expression                 ? 
_refine.ls_extinction_method                     ? 
_refine.ls_goodness_of_fit_all                   ? 
_refine.ls_goodness_of_fit_all_esd               ? 
_refine.ls_goodness_of_fit_obs                   ? 
_refine.ls_goodness_of_fit_obs_esd               ? 
_refine.ls_hydrogen_treatment                    ? 
_refine.ls_matrix_type                           ? 
_refine.ls_number_constraints                    ? 
_refine.ls_number_parameters                     ? 
_refine.ls_number_reflns_all                     ? 
_refine.ls_number_reflns_obs                     4897 
_refine.ls_number_reflns_R_free                  245 
_refine.ls_number_reflns_R_work                  ? 
_refine.ls_number_restraints                     ? 
_refine.ls_percent_reflns_obs                    99.37 
_refine.ls_percent_reflns_R_free                 5.00 
_refine.ls_R_factor_all                          ? 
_refine.ls_R_factor_obs                          0.2080 
_refine.ls_R_factor_R_free                       0.2570 
_refine.ls_R_factor_R_free_error                 ? 
_refine.ls_R_factor_R_free_error_details         ? 
_refine.ls_R_factor_R_work                       0.2057 
_refine.ls_R_Fsqd_factor_obs                     ? 
_refine.ls_R_I_factor_obs                        ? 
_refine.ls_redundancy_reflns_all                 ? 
_refine.ls_redundancy_reflns_obs                 ? 
_refine.ls_restrained_S_all                      ? 
_refine.ls_restrained_S_obs                      ? 
_refine.ls_shift_over_esd_max                    ? 
_refine.ls_shift_over_esd_mean                   ? 
_refine.ls_structure_factor_coef                 ? 
_refine.ls_weighting_details                     ? 
_refine.ls_weighting_scheme                      ? 
_refine.ls_wR_factor_all                         ? 
_refine.ls_wR_factor_obs                         ? 
_refine.ls_wR_factor_R_free                      ? 
_refine.ls_wR_factor_R_work                      ? 
_refine.occupancy_max                            ? 
_refine.occupancy_min                            ? 
_refine.solvent_model_details                    ? 
_refine.solvent_model_param_bsol                 ? 
_refine.solvent_model_param_ksol                 ? 
_refine.ls_R_factor_gt                           ? 
_refine.ls_goodness_of_fit_gt                    ? 
_refine.ls_goodness_of_fit_ref                   ? 
_refine.ls_shift_over_su_max                     ? 
_refine.ls_shift_over_su_max_lt                  ? 
_refine.ls_shift_over_su_mean                    ? 
_refine.ls_shift_over_su_mean_lt                 ? 
_refine.pdbx_ls_sigma_I                          ? 
_refine.pdbx_ls_sigma_F                          1.98 
_refine.pdbx_ls_sigma_Fsqd                       ? 
_refine.pdbx_data_cutoff_high_absF               ? 
_refine.pdbx_data_cutoff_high_rms_absF           ? 
_refine.pdbx_data_cutoff_low_absF                ? 
_refine.pdbx_isotropic_thermal_model             ? 
_refine.pdbx_ls_cross_valid_method               'FREE R-VALUE' 
_refine.pdbx_method_to_determine_struct          'MOLECULAR REPLACEMENT' 
_refine.pdbx_starting_model                      5H0N 
_refine.pdbx_stereochemistry_target_values       ? 
_refine.pdbx_R_Free_selection_details            ? 
_refine.pdbx_stereochem_target_val_spec_case     ? 
_refine.pdbx_overall_ESU_R                       ? 
_refine.pdbx_overall_ESU_R_Free                  ? 
_refine.pdbx_solvent_vdw_probe_radii             1.11 
_refine.pdbx_solvent_ion_probe_radii             ? 
_refine.pdbx_solvent_shrinkage_radii             0.90 
_refine.pdbx_real_space_R                        ? 
_refine.pdbx_density_correlation                 ? 
_refine.pdbx_pd_number_of_powder_patterns        ? 
_refine.pdbx_pd_number_of_points                 ? 
_refine.pdbx_pd_meas_number_of_points            ? 
_refine.pdbx_pd_proc_ls_prof_R_factor            ? 
_refine.pdbx_pd_proc_ls_prof_wR_factor           ? 
_refine.pdbx_pd_Marquardt_correlation_coeff      ? 
_refine.pdbx_pd_Fsqrd_R_factor                   ? 
_refine.pdbx_pd_ls_matrix_band_width             ? 
_refine.pdbx_overall_phase_error                 20.67 
_refine.pdbx_overall_SU_R_free_Cruickshank_DPI   ? 
_refine.pdbx_overall_SU_R_free_Blow_DPI          ? 
_refine.pdbx_overall_SU_R_Blow_DPI               ? 
_refine.pdbx_TLS_residual_ADP_flag               ? 
_refine.pdbx_diffrn_id                           1 
_refine.overall_SU_B                             ? 
_refine.overall_SU_ML                            0.23 
_refine.overall_SU_R_Cruickshank_DPI             ? 
_refine.overall_SU_R_free                        ? 
_refine.overall_FOM_free_R_set                   ? 
_refine.overall_FOM_work_R_set                   ? 
_refine.pdbx_average_fsc_overall                 ? 
_refine.pdbx_average_fsc_work                    ? 
_refine.pdbx_average_fsc_free                    ? 
# 
_refine_hist.pdbx_refine_id                   'X-RAY DIFFRACTION' 
_refine_hist.cycle_id                         LAST 
_refine_hist.pdbx_number_atoms_protein        553 
_refine_hist.pdbx_number_atoms_nucleic_acid   0 
_refine_hist.pdbx_number_atoms_ligand         0 
_refine_hist.number_atoms_solvent             23 
_refine_hist.number_atoms_total               576 
_refine_hist.d_res_high                       1.896 
_refine_hist.d_res_low                        35.597 
# 
loop_
_refine_ls_restr.pdbx_refine_id 
_refine_ls_restr.criterion 
_refine_ls_restr.dev_ideal 
_refine_ls_restr.dev_ideal_target 
_refine_ls_restr.number 
_refine_ls_restr.rejects 
_refine_ls_restr.type 
_refine_ls_restr.weight 
_refine_ls_restr.pdbx_restraint_function 
'X-RAY DIFFRACTION' ? 0.008  ? 559 ? f_bond_d           ? ? 
'X-RAY DIFFRACTION' ? 0.810  ? 747 ? f_angle_d          ? ? 
'X-RAY DIFFRACTION' ? 23.391 ? 347 ? f_dihedral_angle_d ? ? 
'X-RAY DIFFRACTION' ? 0.045  ? 82  ? f_chiral_restr     ? ? 
'X-RAY DIFFRACTION' ? 0.004  ? 93  ? f_plane_restr      ? ? 
# 
loop_
_refine_ls_shell.pdbx_refine_id 
_refine_ls_shell.d_res_high 
_refine_ls_shell.d_res_low 
_refine_ls_shell.number_reflns_all 
_refine_ls_shell.number_reflns_obs 
_refine_ls_shell.number_reflns_R_free 
_refine_ls_shell.number_reflns_R_work 
_refine_ls_shell.percent_reflns_obs 
_refine_ls_shell.percent_reflns_R_free 
_refine_ls_shell.R_factor_all 
_refine_ls_shell.R_factor_obs 
_refine_ls_shell.R_factor_R_free 
_refine_ls_shell.R_factor_R_free_error 
_refine_ls_shell.R_factor_R_work 
_refine_ls_shell.redundancy_reflns_all 
_refine_ls_shell.redundancy_reflns_obs 
_refine_ls_shell.wR_factor_all 
_refine_ls_shell.wR_factor_obs 
_refine_ls_shell.wR_factor_R_free 
_refine_ls_shell.wR_factor_R_work 
_refine_ls_shell.pdbx_total_number_of_bins_used 
_refine_ls_shell.pdbx_phase_error 
_refine_ls_shell.pdbx_fsc_work 
_refine_ls_shell.pdbx_fsc_free 
'X-RAY DIFFRACTION' 1.8964 2.3892  . . 135 2301 99.00  . . . 0.2862 . 0.2187 . . . . . . . . . . 
'X-RAY DIFFRACTION' 2.3892 35.6032 . . 110 2351 100.00 . . . 0.2487 . 0.2025 . . . . . . . . . . 
# 
_struct.entry_id                     5Z0W 
_struct.title                        'Crystal structure of HIV-1 fusion inhibitor SC29EK complexed with gp41 NHR (N36)' 
_struct.pdbx_model_details           ? 
_struct.pdbx_formula_weight          ? 
_struct.pdbx_formula_weight_method   ? 
_struct.pdbx_model_type_details      ? 
_struct.pdbx_CASP_flag               N 
# 
_struct_keywords.entry_id        5Z0W 
_struct_keywords.text            'HIV fusion inhibitor, 6 helix bundle, VIRAL PROTEIN-INHIBITOR complex' 
_struct_keywords.pdbx_keywords   'VIRAL PROTEIN/INHIBITOR' 
# 
loop_
_struct_asym.id 
_struct_asym.pdbx_blank_PDB_chainid_flag 
_struct_asym.pdbx_modified 
_struct_asym.entity_id 
_struct_asym.details 
A N N 1 ? 
B N N 2 ? 
C N N 3 ? 
D N N 3 ? 
# 
loop_
_struct_conf.conf_type_id 
_struct_conf.id 
_struct_conf.pdbx_PDB_helix_id 
_struct_conf.beg_label_comp_id 
_struct_conf.beg_label_asym_id 
_struct_conf.beg_label_seq_id 
_struct_conf.pdbx_beg_PDB_ins_code 
_struct_conf.end_label_comp_id 
_struct_conf.end_label_asym_id 
_struct_conf.end_label_seq_id 
_struct_conf.pdbx_end_PDB_ins_code 
_struct_conf.beg_auth_comp_id 
_struct_conf.beg_auth_asym_id 
_struct_conf.beg_auth_seq_id 
_struct_conf.end_auth_comp_id 
_struct_conf.end_auth_asym_id 
_struct_conf.end_auth_seq_id 
_struct_conf.pdbx_PDB_helix_class 
_struct_conf.details 
_struct_conf.pdbx_PDB_helix_length 
HELX_P HELX_P1 AA1 SER A 1 ? LEU A 36 ? SER E 35  LEU E 70  1 ? 36 
HELX_P HELX_P2 AA2 GLU B 2 ? ASN B 29 ? GLU F 118 ASN F 145 1 ? 28 
# 
_struct_conf_type.id          HELX_P 
_struct_conf_type.criteria    ? 
_struct_conf_type.reference   ? 
# 
_atom_sites.entry_id                    5Z0W 
_atom_sites.fract_transf_matrix[1][1]   0.00250533 
_atom_sites.fract_transf_matrix[1][2]   0.00095791 
_atom_sites.fract_transf_matrix[1][3]   0.02010635 
_atom_sites.fract_transf_matrix[2][1]   -0.00436475 
_atom_sites.fract_transf_matrix[2][2]   -0.01609937 
_atom_sites.fract_transf_matrix[2][3]   0.01154298 
_atom_sites.fract_transf_matrix[3][1]   0.01825750 
_atom_sites.fract_transf_matrix[3][2]   -0.00636358 
_atom_sites.fract_transf_matrix[3][3]   -0.00197178 
_atom_sites.fract_transf_vector[1]      0.040227 
_atom_sites.fract_transf_vector[2]      0.902278 
_atom_sites.fract_transf_vector[3]      -0.090146 
# 
loop_
_atom_type.symbol 
C 
N 
O 
# 
loop_
_atom_site.group_PDB 
_atom_site.id 
_atom_site.type_symbol 
_atom_site.label_atom_id 
_atom_site.label_alt_id 
_atom_site.label_comp_id 
_atom_site.label_asym_id 
_atom_site.label_entity_id 
_atom_site.label_seq_id 
_atom_site.pdbx_PDB_ins_code 
_atom_site.Cartn_x 
_atom_site.Cartn_y 
_atom_site.Cartn_z 
_atom_site.occupancy 
_atom_site.B_iso_or_equiv 
_atom_site.pdbx_formal_charge 
_atom_site.auth_seq_id 
_atom_site.auth_comp_id 
_atom_site.auth_asym_id 
_atom_site.auth_atom_id 
_atom_site.pdbx_PDB_model_num 
ATOM   1   N N   . SER A 1 1  ? 15.916  -12.261 -15.427 1.00 51.40 ? 35  SER E N   1 
ATOM   2   C CA  . SER A 1 1  ? 17.153  -11.641 -15.005 1.00 46.14 ? 35  SER E CA  1 
ATOM   3   C C   . SER A 1 1  ? 17.526  -11.844 -13.519 1.00 44.24 ? 35  SER E C   1 
ATOM   4   O O   . SER A 1 1  ? 18.002  -10.953 -12.872 1.00 44.13 ? 35  SER E O   1 
ATOM   5   C CB  . SER A 1 1  ? 17.126  -10.194 -15.401 1.00 45.38 ? 35  SER E CB  1 
ATOM   6   O OG  . SER A 1 1  ? 17.110  -10.120 -16.811 1.00 61.75 ? 35  SER E OG  1 
ATOM   7   N N   . GLY A 1 2  ? 17.290  -13.041 -13.021 1.00 42.73 ? 36  GLY E N   1 
ATOM   8   C CA  . GLY A 1 2  ? 17.762  -13.507 -11.731 1.00 41.26 ? 36  GLY E CA  1 
ATOM   9   C C   . GLY A 1 2  ? 16.907  -13.089 -10.550 1.00 42.90 ? 36  GLY E C   1 
ATOM   10  O O   . GLY A 1 2  ? 15.814  -12.517 -10.673 1.00 35.65 ? 36  GLY E O   1 
ATOM   11  N N   . ILE A 1 3  ? 17.447  -13.386 -9.364  1.00 37.42 ? 37  ILE E N   1 
ATOM   12  C CA  . ILE A 1 3  ? 16.754  -13.075 -8.116  1.00 37.60 ? 37  ILE E CA  1 
ATOM   13  C C   . ILE A 1 3  ? 16.550  -11.571 -7.959  1.00 39.40 ? 37  ILE E C   1 
ATOM   14  O O   . ILE A 1 3  ? 15.492  -11.116 -7.492  1.00 39.39 ? 37  ILE E O   1 
ATOM   15  C CB  . ILE A 1 3  ? 17.522  -13.675 -6.924  1.00 37.10 ? 37  ILE E CB  1 
ATOM   16  C CG1 . ILE A 1 3  ? 17.272  -15.183 -6.844  1.00 39.81 ? 37  ILE E CG1 1 
ATOM   17  C CG2 . ILE A 1 3  ? 17.141  -12.985 -5.628  1.00 38.78 ? 37  ILE E CG2 1 
ATOM   18  C CD1 . ILE A 1 3  ? 18.172  -15.887 -5.848  1.00 46.89 ? 37  ILE E CD1 1 
ATOM   19  N N   . VAL A 1 4  ? 17.541  -10.768 -8.354  1.00 35.93 ? 38  VAL E N   1 
ATOM   20  C CA  . VAL A 1 4  ? 17.410  -9.318  -8.193  1.00 31.86 ? 38  VAL E CA  1 
ATOM   21  C C   . VAL A 1 4  ? 16.277  -8.784  -9.058  1.00 35.17 ? 38  VAL E C   1 
ATOM   22  O O   . VAL A 1 4  ? 15.491  -7.934  -8.616  1.00 36.42 ? 38  VAL E O   1 
ATOM   23  C CB  . VAL A 1 4  ? 18.742  -8.606  -8.507  1.00 42.19 ? 38  VAL E CB  1 
ATOM   24  C CG1 . VAL A 1 4  ? 18.588  -7.088  -8.377  1.00 38.61 ? 38  VAL E CG1 1 
ATOM   25  C CG2 . VAL A 1 4  ? 19.844  -9.098  -7.584  1.00 38.23 ? 38  VAL E CG2 1 
ATOM   26  N N   . GLN A 1 5  ? 16.163  -9.274  -10.300 1.00 35.51 ? 39  GLN E N   1 
ATOM   27  C CA  . GLN A 1 5  ? 15.064  -8.814  -11.135 1.00 41.65 ? 39  GLN E CA  1 
ATOM   28  C C   . GLN A 1 5  ? 13.738  -9.257  -10.546 1.00 36.66 ? 39  GLN E C   1 
ATOM   29  O O   . GLN A 1 5  ? 12.771  -8.497  -10.556 1.00 34.84 ? 39  GLN E O   1 
ATOM   30  C CB  . GLN A 1 5  ? 15.177  -9.310  -12.578 1.00 41.19 ? 39  GLN E CB  1 
ATOM   31  C CG  . GLN A 1 5  ? 14.032  -8.703  -13.436 1.00 47.61 ? 39  GLN E CG  1 
ATOM   32  C CD  . GLN A 1 5  ? 14.012  -9.137  -14.892 1.00 57.88 ? 39  GLN E CD  1 
ATOM   33  O OE1 . GLN A 1 5  ? 14.459  -10.234 -15.231 1.00 59.72 ? 39  GLN E OE1 1 
ATOM   34  N NE2 . GLN A 1 5  ? 13.487  -8.270  -15.766 1.00 49.74 ? 39  GLN E NE2 1 
ATOM   35  N N   . GLN A 1 6  ? 13.680  -10.475 -9.996  1.00 39.25 ? 40  GLN E N   1 
ATOM   36  C CA  . GLN A 1 6  ? 12.418  -10.940 -9.431  1.00 38.01 ? 40  GLN E CA  1 
ATOM   37  C C   . GLN A 1 6  ? 12.011  -10.125 -8.208  1.00 38.19 ? 40  GLN E C   1 
ATOM   38  O O   . GLN A 1 6  ? 10.814  -9.936  -7.962  1.00 34.23 ? 40  GLN E O   1 
ATOM   39  C CB  . GLN A 1 6  ? 12.505  -12.428 -9.092  1.00 37.94 ? 40  GLN E CB  1 
ATOM   40  C CG  . GLN A 1 6  ? 11.202  -13.025 -8.551  1.00 38.78 ? 40  GLN E CG  1 
ATOM   41  C CD  . GLN A 1 6  ? 10.092  -13.144 -9.600  1.00 45.60 ? 40  GLN E CD  1 
ATOM   42  O OE1 . GLN A 1 6  ? 9.924   -12.280 -10.471 1.00 42.78 ? 40  GLN E OE1 1 
ATOM   43  N NE2 . GLN A 1 6  ? 9.323   -14.228 -9.514  1.00 41.17 ? 40  GLN E NE2 1 
ATOM   44  N N   . GLN A 1 7  ? 12.980  -9.622  -7.444  1.00 36.77 ? 41  GLN E N   1 
ATOM   45  C CA  . GLN A 1 7  ? 12.660  -8.738  -6.328  1.00 35.03 ? 41  GLN E CA  1 
ATOM   46  C C   . GLN A 1 7  ? 12.073  -7.417  -6.804  1.00 36.53 ? 41  GLN E C   1 
ATOM   47  O O   . GLN A 1 7  ? 11.097  -6.918  -6.221  1.00 36.29 ? 41  GLN E O   1 
ATOM   48  C CB  . GLN A 1 7  ? 13.908  -8.499  -5.486  1.00 39.90 ? 41  GLN E CB  1 
ATOM   49  C CG  . GLN A 1 7  ? 14.257  -9.687  -4.638  1.00 38.86 ? 41  GLN E CG  1 
ATOM   50  C CD  . GLN A 1 7  ? 15.132  -9.314  -3.482  1.00 45.77 ? 41  GLN E CD  1 
ATOM   51  O OE1 . GLN A 1 7  ? 16.161  -8.654  -3.654  1.00 44.26 ? 41  GLN E OE1 1 
ATOM   52  N NE2 . GLN A 1 7  ? 14.723  -9.710  -2.282  1.00 40.36 ? 41  GLN E NE2 1 
ATOM   53  N N   . ASN A 1 8  ? 12.644  -6.818  -7.855  1.00 37.93 ? 42  ASN E N   1 
ATOM   54  C CA  . ASN A 1 8  ? 11.993  -5.630  -8.402  1.00 35.68 ? 42  ASN E CA  1 
ATOM   55  C C   . ASN A 1 8  ? 10.601  -5.968  -8.937  1.00 37.31 ? 42  ASN E C   1 
ATOM   56  O O   . ASN A 1 8  ? 9.662   -5.178  -8.761  1.00 34.63 ? 42  ASN E O   1 
ATOM   57  C CB  . ASN A 1 8  ? 12.838  -4.979  -9.492  1.00 31.04 ? 42  ASN E CB  1 
ATOM   58  C CG  . ASN A 1 8  ? 12.258  -3.665  -9.952  1.00 41.60 ? 42  ASN E CG  1 
ATOM   59  O OD1 . ASN A 1 8  ? 12.333  -2.656  -9.245  1.00 44.95 ? 42  ASN E OD1 1 
ATOM   60  N ND2 . ASN A 1 8  ? 11.647  -3.669  -11.126 1.00 46.54 ? 42  ASN E ND2 1 
ATOM   61  N N   . ASN A 1 9  ? 10.446  -7.140  -9.574  1.00 33.59 ? 43  ASN E N   1 
ATOM   62  C CA  . ASN A 1 9  ? 9.121   -7.558  -10.030 1.00 39.34 ? 43  ASN E CA  1 
ATOM   63  C C   . ASN A 1 9  ? 8.124   -7.510  -8.876  1.00 38.93 ? 43  ASN E C   1 
ATOM   64  O O   . ASN A 1 9  ? 7.032   -6.950  -9.003  1.00 34.61 ? 43  ASN E O   1 
ATOM   65  C CB  . ASN A 1 9  ? 9.149   -8.977  -10.617 1.00 38.23 ? 43  ASN E CB  1 
ATOM   66  C CG  . ASN A 1 9  ? 9.734   -9.058  -12.054 1.00 44.59 ? 43  ASN E CG  1 
ATOM   67  O OD1 . ASN A 1 9  ? 9.788   -8.074  -12.795 1.00 42.97 ? 43  ASN E OD1 1 
ATOM   68  N ND2 . ASN A 1 9  ? 10.133  -10.275 -12.450 1.00 36.23 ? 43  ASN E ND2 1 
ATOM   69  N N   . LEU A 1 10 ? 8.500   -8.082  -7.726  1.00 40.31 ? 44  LEU E N   1 
ATOM   70  C CA  . LEU A 1 10 ? 7.549   -8.214  -6.625  1.00 37.92 ? 44  LEU E CA  1 
ATOM   71  C C   . LEU A 1 10 ? 7.282   -6.875  -5.948  1.00 36.82 ? 44  LEU E C   1 
ATOM   72  O O   . LEU A 1 10 ? 6.145   -6.595  -5.548  1.00 33.02 ? 44  LEU E O   1 
ATOM   73  C CB  . LEU A 1 10 ? 8.059   -9.239  -5.612  1.00 38.33 ? 44  LEU E CB  1 
ATOM   74  C CG  . LEU A 1 10 ? 8.343   -10.652 -6.137  1.00 38.90 ? 44  LEU E CG  1 
ATOM   75  C CD1 . LEU A 1 10 ? 9.031   -11.473 -5.067  1.00 39.59 ? 44  LEU E CD1 1 
ATOM   76  C CD2 . LEU A 1 10 ? 7.067   -11.349 -6.588  1.00 42.40 ? 44  LEU E CD2 1 
ATOM   77  N N   . LEU A 1 11 ? 8.311   -6.032  -5.809  1.00 31.94 ? 45  LEU E N   1 
ATOM   78  C CA  . LEU A 1 11 ? 8.098   -4.699  -5.249  1.00 35.44 ? 45  LEU E CA  1 
ATOM   79  C C   . LEU A 1 11 ? 7.117   -3.885  -6.089  1.00 37.44 ? 45  LEU E C   1 
ATOM   80  O O   . LEU A 1 11 ? 6.275   -3.149  -5.547  1.00 31.31 ? 45  LEU E O   1 
ATOM   81  C CB  . LEU A 1 11 ? 9.430   -3.959  -5.137  1.00 33.74 ? 45  LEU E CB  1 
ATOM   82  C CG  . LEU A 1 11 ? 9.372   -2.499  -4.679  1.00 33.96 ? 45  LEU E CG  1 
ATOM   83  C CD1 . LEU A 1 11 ? 8.721   -2.385  -3.317  1.00 31.84 ? 45  LEU E CD1 1 
ATOM   84  C CD2 . LEU A 1 11 ? 10.805  -1.904  -4.646  1.00 41.66 ? 45  LEU E CD2 1 
ATOM   85  N N   . ARG A 1 12 ? 7.255   -3.950  -7.416  1.00 32.55 ? 46  ARG E N   1 
ATOM   86  C CA  . ARG A 1 12 ? 6.314   -3.259  -8.289  1.00 39.25 ? 46  ARG E CA  1 
ATOM   87  C C   . ARG A 1 12 ? 4.907   -3.822  -8.145  1.00 30.38 ? 46  ARG E C   1 
ATOM   88  O O   . ARG A 1 12 ? 3.930   -3.073  -8.222  1.00 32.51 ? 46  ARG E O   1 
ATOM   89  C CB  . ARG A 1 12 ? 6.763   -3.349  -9.746  1.00 35.04 ? 46  ARG E CB  1 
ATOM   90  C CG  . ARG A 1 12 ? 7.948   -2.449  -10.074 1.00 47.77 ? 46  ARG E CG  1 
ATOM   91  C CD  . ARG A 1 12 ? 7.890   -1.985  -11.529 1.00 50.34 ? 46  ARG E CD  1 
ATOM   92  N NE  . ARG A 1 12 ? 8.442   -2.966  -12.459 1.00 54.80 ? 46  ARG E NE  1 
ATOM   93  C CZ  . ARG A 1 12 ? 8.223   -2.953  -13.775 1.00 60.04 ? 46  ARG E CZ  1 
ATOM   94  N NH1 . ARG A 1 12 ? 7.448   -2.014  -14.307 1.00 53.05 ? 46  ARG E NH1 1 
ATOM   95  N NH2 . ARG A 1 12 ? 8.776   -3.879  -14.553 1.00 56.14 ? 46  ARG E NH2 1 
ATOM   96  N N   . ALA A 1 13 ? 4.776   -5.142  -7.984  1.00 33.44 ? 47  ALA E N   1 
ATOM   97  C CA  . ALA A 1 13 ? 3.442   -5.705  -7.794  1.00 31.67 ? 47  ALA E CA  1 
ATOM   98  C C   . ALA A 1 13 ? 2.831   -5.219  -6.493  1.00 32.32 ? 47  ALA E C   1 
ATOM   99  O O   . ALA A 1 13 ? 1.639   -4.894  -6.449  1.00 29.31 ? 47  ALA E O   1 
ATOM   100 C CB  . ALA A 1 13 ? 3.485   -7.228  -7.825  1.00 30.56 ? 47  ALA E CB  1 
ATOM   101 N N   . ILE A 1 14 ? 3.632   -5.166  -5.424  1.00 28.89 ? 48  ILE E N   1 
ATOM   102 C CA  . ILE A 1 14 ? 3.143   -4.695  -4.125  1.00 35.09 ? 48  ILE E CA  1 
ATOM   103 C C   . ILE A 1 14 ? 2.720   -3.235  -4.197  1.00 34.25 ? 48  ILE E C   1 
ATOM   104 O O   . ILE A 1 14 ? 1.635   -2.844  -3.707  1.00 30.00 ? 48  ILE E O   1 
ATOM   105 C CB  . ILE A 1 14 ? 4.234   -4.933  -3.064  1.00 32.14 ? 48  ILE E CB  1 
ATOM   106 C CG1 . ILE A 1 14 ? 4.302   -6.421  -2.727  1.00 28.38 ? 48  ILE E CG1 1 
ATOM   107 C CG2 . ILE A 1 14 ? 4.044   -4.045  -1.828  1.00 31.42 ? 48  ILE E CG2 1 
ATOM   108 C CD1 . ILE A 1 14 ? 5.591   -6.824  -1.993  1.00 27.80 ? 48  ILE E CD1 1 
ATOM   109 N N   . GLU A 1 15 ? 3.550   -2.410  -4.834  1.00 29.59 ? 49  GLU E N   1 
ATOM   110 C CA  . GLU A 1 15 ? 3.243   -0.987  -4.971  1.00 33.04 ? 49  GLU E CA  1 
ATOM   111 C C   . GLU A 1 15 ? 1.934   -0.760  -5.724  1.00 32.50 ? 49  GLU E C   1 
ATOM   112 O O   . GLU A 1 15 ? 1.127   0.098   -5.349  1.00 33.86 ? 49  GLU E O   1 
ATOM   113 C CB  . GLU A 1 15 ? 4.405   -0.288  -5.683  1.00 35.05 ? 49  GLU E CB  1 
ATOM   114 C CG  . GLU A 1 15 ? 4.559   1.182   -5.348  1.00 38.74 ? 49  GLU E CG  1 
ATOM   115 C CD  . GLU A 1 15 ? 5.595   1.867   -6.218  1.00 58.55 ? 49  GLU E CD  1 
ATOM   116 O OE1 . GLU A 1 15 ? 6.604   1.210   -6.584  1.00 61.78 ? 49  GLU E OE1 1 
ATOM   117 O OE2 . GLU A 1 15 ? 5.398   3.062   -6.540  1.00 73.20 ? 49  GLU E OE2 1 
ATOM   118 N N   . ALA A 1 16 ? 1.707   -1.514  -6.798  1.00 32.16 ? 50  ALA E N   1 
ATOM   119 C CA  . ALA A 1 16 ? 0.482   -1.343  -7.560  1.00 35.38 ? 50  ALA E CA  1 
ATOM   120 C C   . ALA A 1 16 ? -0.732  -1.876  -6.802  1.00 37.50 ? 50  ALA E C   1 
ATOM   121 O O   . ALA A 1 16 ? -1.820  -1.292  -6.885  1.00 33.17 ? 50  ALA E O   1 
ATOM   122 C CB  . ALA A 1 16 ? 0.632   -2.026  -8.911  1.00 35.26 ? 50  ALA E CB  1 
ATOM   123 N N   . GLN A 1 17 ? -0.571  -2.988  -6.076  1.00 36.51 ? 51  GLN E N   1 
ATOM   124 C CA  . GLN A 1 17 ? -1.617  -3.445  -5.167  1.00 33.09 ? 51  GLN E CA  1 
ATOM   125 C C   . GLN A 1 17 ? -1.954  -2.395  -4.115  1.00 31.97 ? 51  GLN E C   1 
ATOM   126 O O   . GLN A 1 17 ? -3.122  -2.274  -3.709  1.00 31.84 ? 51  GLN E O   1 
ATOM   127 C CB  . GLN A 1 17 ? -1.191  -4.760  -4.503  1.00 30.35 ? 51  GLN E CB  1 
ATOM   128 C CG  . GLN A 1 17 ? -1.244  -5.955  -5.444  1.00 38.75 ? 51  GLN E CG  1 
ATOM   129 C CD  . GLN A 1 17 ? -0.926  -7.289  -4.759  1.00 41.50 ? 51  GLN E CD  1 
ATOM   130 O OE1 . GLN A 1 17 ? 0.026   -7.409  -3.982  1.00 37.58 ? 51  GLN E OE1 1 
ATOM   131 N NE2 . GLN A 1 17 ? -1.722  -8.299  -5.065  1.00 37.97 ? 51  GLN E NE2 1 
ATOM   132 N N   . GLN A 1 18 ? -0.965  -1.614  -3.675  1.00 27.40 ? 52  GLN E N   1 
ATOM   133 C CA  . GLN A 1 18 ? -1.251  -0.558  -2.710  1.00 32.31 ? 52  GLN E CA  1 
ATOM   134 C C   . GLN A 1 18 ? -2.113  0.544   -3.315  1.00 31.26 ? 52  GLN E C   1 
ATOM   135 O O   . GLN A 1 18 ? -2.993  1.092   -2.637  1.00 32.02 ? 52  GLN E O   1 
ATOM   136 C CB  . GLN A 1 18 ? 0.038   0.036   -2.154  1.00 33.46 ? 52  GLN E CB  1 
ATOM   137 C CG  . GLN A 1 18 ? -0.212  1.090   -1.077  1.00 34.47 ? 52  GLN E CG  1 
ATOM   138 C CD  . GLN A 1 18 ? -0.925  0.524   0.149   1.00 34.79 ? 52  GLN E CD  1 
ATOM   139 O OE1 . GLN A 1 18 ? -1.017  -0.689  0.328   1.00 35.57 ? 52  GLN E OE1 1 
ATOM   140 N NE2 . GLN A 1 18 ? -1.433  1.405   0.998   1.00 34.19 ? 52  GLN E NE2 1 
ATOM   141 N N   . HIS A 1 19 ? -1.867  0.902   -4.580  1.00 32.33 ? 53  HIS E N   1 
ATOM   142 C CA  . HIS A 1 19 ? -2.750  1.852   -5.250  1.00 32.64 ? 53  HIS E CA  1 
ATOM   143 C C   . HIS A 1 19 ? -4.176  1.317   -5.314  1.00 35.01 ? 53  HIS E C   1 
ATOM   144 O O   . HIS A 1 19 ? -5.133  2.060   -5.053  1.00 30.24 ? 53  HIS E O   1 
ATOM   145 C CB  . HIS A 1 19 ? -2.233  2.170   -6.659  1.00 38.49 ? 53  HIS E CB  1 
ATOM   146 C CG  . HIS A 1 19 ? -1.029  3.061   -6.687  1.00 36.03 ? 53  HIS E CG  1 
ATOM   147 N ND1 . HIS A 1 19 ? -1.121  4.437   -6.727  1.00 42.00 ? 53  HIS E ND1 1 
ATOM   148 C CD2 . HIS A 1 19 ? 0.297   2.774   -6.720  1.00 38.88 ? 53  HIS E CD2 1 
ATOM   149 C CE1 . HIS A 1 19 ? 0.092   4.959   -6.766  1.00 43.24 ? 53  HIS E CE1 1 
ATOM   150 N NE2 . HIS A 1 19 ? 0.974   3.971   -6.751  1.00 37.92 ? 53  HIS E NE2 1 
ATOM   151 N N   . LEU A 1 20 ? -4.334  0.027   -5.652  1.00 31.48 ? 54  LEU E N   1 
ATOM   152 C CA  . LEU A 1 20 ? -5.659  -0.591  -5.656  1.00 36.26 ? 54  LEU E CA  1 
ATOM   153 C C   . LEU A 1 20 ? -6.274  -0.537  -4.274  1.00 32.98 ? 54  LEU E C   1 
ATOM   154 O O   . LEU A 1 20 ? -7.454  -0.191  -4.114  1.00 32.45 ? 54  LEU E O   1 
ATOM   155 C CB  . LEU A 1 20 ? -5.574  -2.045  -6.114  1.00 32.68 ? 54  LEU E CB  1 
ATOM   156 C CG  . LEU A 1 20 ? -5.542  -2.445  -7.586  1.00 44.17 ? 54  LEU E CG  1 
ATOM   157 C CD1 . LEU A 1 20 ? -5.756  -3.952  -7.653  1.00 42.54 ? 54  LEU E CD1 1 
ATOM   158 C CD2 . LEU A 1 20 ? -6.630  -1.739  -8.390  1.00 33.03 ? 54  LEU E CD2 1 
ATOM   159 N N   . LEU A 1 21 ? -5.468  -0.834  -3.257  1.00 26.62 ? 55  LEU E N   1 
ATOM   160 C CA  . LEU A 1 21 ? -5.968  -0.829  -1.891  1.00 31.05 ? 55  LEU E CA  1 
ATOM   161 C C   . LEU A 1 21 ? -6.491  0.541   -1.492  1.00 28.55 ? 55  LEU E C   1 
ATOM   162 O O   . LEU A 1 21 ? -7.558  0.641   -0.876  1.00 30.33 ? 55  LEU E O   1 
ATOM   163 C CB  . LEU A 1 21 ? -4.873  -1.302  -0.942  1.00 30.90 ? 55  LEU E CB  1 
ATOM   164 C CG  . LEU A 1 21 ? -4.992  -2.790  -0.670  1.00 37.85 ? 55  LEU E CG  1 
ATOM   165 C CD1 . LEU A 1 21 ? -3.714  -3.322  -0.022  1.00 33.99 ? 55  LEU E CD1 1 
ATOM   166 C CD2 . LEU A 1 21 ? -6.201  -3.018  0.215   1.00 32.64 ? 55  LEU E CD2 1 
ATOM   167 N N   . GLN A 1 22 ? -5.773  1.615   -1.849  1.00 32.74 ? 56  GLN E N   1 
ATOM   168 C CA  . GLN A 1 22 ? -6.245  2.952   -1.485  1.00 33.09 ? 56  GLN E CA  1 
ATOM   169 C C   . GLN A 1 22 ? -7.504  3.347   -2.257  1.00 29.06 ? 56  GLN E C   1 
ATOM   170 O O   . GLN A 1 22 ? -8.327  4.113   -1.740  1.00 26.31 ? 56  GLN E O   1 
ATOM   171 C CB  . GLN A 1 22 ? -5.131  3.983   -1.692  1.00 36.70 ? 56  GLN E CB  1 
ATOM   172 C CG  . GLN A 1 22 ? -3.936  3.803   -0.727  1.00 34.25 ? 56  GLN E CG  1 
ATOM   173 C CD  . GLN A 1 22 ? -4.349  3.833   0.756   1.00 46.34 ? 56  GLN E CD  1 
ATOM   174 O OE1 . GLN A 1 22 ? -3.821  3.075   1.583   1.00 49.00 ? 56  GLN E OE1 1 
ATOM   175 N NE2 . GLN A 1 22 ? -5.300  4.700   1.090   1.00 44.59 ? 56  GLN E NE2 1 
ATOM   176 N N   . LEU A 1 23 ? -7.660  2.856   -3.492  1.00 28.07 ? 57  LEU E N   1 
ATOM   177 C CA  . LEU A 1 23 ? -8.909  3.060   -4.218  1.00 31.00 ? 57  LEU E CA  1 
ATOM   178 C C   . LEU A 1 23 ? -10.064 2.338   -3.541  1.00 28.24 ? 57  LEU E C   1 
ATOM   179 O O   . LEU A 1 23 ? -11.186 2.872   -3.464  1.00 30.30 ? 57  LEU E O   1 
ATOM   180 C CB  . LEU A 1 23 ? -8.748  2.590   -5.662  1.00 32.13 ? 57  LEU E CB  1 
ATOM   181 C CG  . LEU A 1 23 ? -7.749  3.447   -6.456  1.00 32.25 ? 57  LEU E CG  1 
ATOM   182 C CD1 . LEU A 1 23 ? -7.261  2.707   -7.666  1.00 30.41 ? 57  LEU E CD1 1 
ATOM   183 C CD2 . LEU A 1 23 ? -8.437  4.756   -6.868  1.00 35.70 ? 57  LEU E CD2 1 
ATOM   184 N N   . THR A 1 24 ? -9.835  1.115   -3.063  1.00 25.41 ? 58  THR E N   1 
ATOM   185 C CA  . THR A 1 24 ? -10.938 0.438   -2.378  1.00 31.38 ? 58  THR E CA  1 
ATOM   186 C C   . THR A 1 24 ? -11.268 1.129   -1.060  1.00 30.61 ? 58  THR E C   1 
ATOM   187 O O   . THR A 1 24 ? -12.443 1.202   -0.688  1.00 26.48 ? 58  THR E O   1 
ATOM   188 C CB  . THR A 1 24 ? -10.633 -1.052  -2.142  1.00 31.23 ? 58  THR E CB  1 
ATOM   189 O OG1 . THR A 1 24 ? -9.497  -1.213  -1.276  1.00 28.79 ? 58  THR E OG1 1 
ATOM   190 C CG2 . THR A 1 24 ? -10.379 -1.771  -3.463  1.00 25.25 ? 58  THR E CG2 1 
ATOM   191 N N   . VAL A 1 25 ? -10.256 1.655   -0.353  1.00 29.42 ? 59  VAL E N   1 
ATOM   192 C CA  . VAL A 1 25 ? -10.534 2.452   0.845   1.00 30.18 ? 59  VAL E CA  1 
ATOM   193 C C   . VAL A 1 25 ? -11.406 3.658   0.494   1.00 27.89 ? 59  VAL E C   1 
ATOM   194 O O   . VAL A 1 25 ? -12.423 3.919   1.148   1.00 26.68 ? 59  VAL E O   1 
ATOM   195 C CB  . VAL A 1 25 ? -9.226  2.884   1.537   1.00 31.07 ? 59  VAL E CB  1 
ATOM   196 C CG1 . VAL A 1 25 ? -9.520  3.887   2.670   1.00 28.92 ? 59  VAL E CG1 1 
ATOM   197 C CG2 . VAL A 1 25 ? -8.459  1.659   2.075   1.00 28.45 ? 59  VAL E CG2 1 
ATOM   198 N N   . TRP A 1 26 ? -11.018 4.416   -0.538  1.00 29.00 ? 60  TRP E N   1 
ATOM   199 C CA  . TRP A 1 26 ? -11.814 5.573   -0.962  1.00 30.99 ? 60  TRP E CA  1 
ATOM   200 C C   . TRP A 1 26 ? -13.269 5.204   -1.210  1.00 29.55 ? 60  TRP E C   1 
ATOM   201 O O   . TRP A 1 26 ? -14.188 5.939   -0.819  1.00 24.97 ? 60  TRP E O   1 
ATOM   202 C CB  . TRP A 1 26 ? -11.223 6.181   -2.238  1.00 35.14 ? 60  TRP E CB  1 
ATOM   203 C CG  . TRP A 1 26 ? -11.990 7.394   -2.732  1.00 36.02 ? 60  TRP E CG  1 
ATOM   204 C CD1 . TRP A 1 26 ? -11.803 8.694   -2.351  1.00 36.90 ? 60  TRP E CD1 1 
ATOM   205 C CD2 . TRP A 1 26 ? -13.067 7.407   -3.683  1.00 37.46 ? 60  TRP E CD2 1 
ATOM   206 N NE1 . TRP A 1 26 ? -12.702 9.519   -3.003  1.00 40.17 ? 60  TRP E NE1 1 
ATOM   207 C CE2 . TRP A 1 26 ? -13.485 8.755   -3.829  1.00 40.82 ? 60  TRP E CE2 1 
ATOM   208 C CE3 . TRP A 1 26 ? -13.712 6.416   -4.425  1.00 30.91 ? 60  TRP E CE3 1 
ATOM   209 C CZ2 . TRP A 1 26 ? -14.511 9.130   -4.693  1.00 37.08 ? 60  TRP E CZ2 1 
ATOM   210 C CZ3 . TRP A 1 26 ? -14.735 6.786   -5.282  1.00 35.27 ? 60  TRP E CZ3 1 
ATOM   211 C CH2 . TRP A 1 26 ? -15.127 8.137   -5.408  1.00 36.87 ? 60  TRP E CH2 1 
ATOM   212 N N   . GLY A 1 27 ? -13.501 4.096   -1.914  1.00 27.53 ? 61  GLY E N   1 
ATOM   213 C CA  . GLY A 1 27 ? -14.864 3.712   -2.236  1.00 30.03 ? 61  GLY E CA  1 
ATOM   214 C C   . GLY A 1 27 ? -15.673 3.379   -1.003  1.00 25.85 ? 61  GLY E C   1 
ATOM   215 O O   . GLY A 1 27 ? -16.837 3.793   -0.875  1.00 25.55 ? 61  GLY E O   1 
ATOM   216 N N   . ILE A 1 28 ? -15.069 2.635   -0.076  1.00 27.67 ? 62  ILE E N   1 
ATOM   217 C CA  . ILE A 1 28 ? -15.742 2.278   1.170   1.00 27.68 ? 62  ILE E CA  1 
ATOM   218 C C   . ILE A 1 28 ? -16.082 3.529   1.963   1.00 30.02 ? 62  ILE E C   1 
ATOM   219 O O   . ILE A 1 28 ? -17.185 3.648   2.516   1.00 24.65 ? 62  ILE E O   1 
ATOM   220 C CB  . ILE A 1 28 ? -14.864 1.305   1.984   1.00 27.42 ? 62  ILE E CB  1 
ATOM   221 C CG1 . ILE A 1 28 ? -14.885 -0.096  1.359   1.00 26.11 ? 62  ILE E CG1 1 
ATOM   222 C CG2 . ILE A 1 28 ? -15.333 1.207   3.407   1.00 23.47 ? 62  ILE E CG2 1 
ATOM   223 C CD1 . ILE A 1 28 ? -13.700 -0.978  1.850   1.00 22.02 ? 62  ILE E CD1 1 
ATOM   224 N N   . LYS A 1 29 ? -15.153 4.488   2.022   1.00 29.50 ? 63  LYS E N   1 
ATOM   225 C CA  . LYS A 1 29 ? -15.454 5.723   2.753   1.00 33.56 ? 63  LYS E CA  1 
ATOM   226 C C   . LYS A 1 29 ? -16.578 6.513   2.087   1.00 29.87 ? 63  LYS E C   1 
ATOM   227 O O   . LYS A 1 29 ? -17.443 7.065   2.775   1.00 29.38 ? 63  LYS E O   1 
ATOM   228 C CB  . LYS A 1 29 ? -14.195 6.575   2.882   1.00 34.49 ? 63  LYS E CB  1 
ATOM   229 C CG  . LYS A 1 29 ? -13.144 5.938   3.767   1.00 34.78 ? 63  LYS E CG  1 
ATOM   230 C CD  . LYS A 1 29 ? -11.913 6.779   3.857   1.00 45.42 ? 63  LYS E CD  1 
ATOM   231 C CE  . LYS A 1 29 ? -10.894 6.141   4.758   1.00 47.55 ? 63  LYS E CE  1 
ATOM   232 N NZ  . LYS A 1 29 ? -9.681  6.991   4.805   1.00 54.54 ? 63  LYS E NZ  1 
ATOM   233 N N   . GLN A 1 30 ? -16.579 6.591   0.753   1.00 29.49 ? 64  GLN E N   1 
ATOM   234 C CA  . GLN A 1 30 ? -17.680 7.250   0.051   1.00 36.67 ? 64  GLN E CA  1 
ATOM   235 C C   . GLN A 1 30 ? -19.016 6.623   0.412   1.00 35.00 ? 64  GLN E C   1 
ATOM   236 O O   . GLN A 1 30 ? -20.001 7.326   0.697   1.00 33.61 ? 64  GLN E O   1 
ATOM   237 C CB  . GLN A 1 30 ? -17.462 7.162   -1.465  1.00 34.37 ? 64  GLN E CB  1 
ATOM   238 C CG  . GLN A 1 30 ? -16.363 8.046   -1.986  1.00 32.08 ? 64  GLN E CG  1 
ATOM   239 C CD  . GLN A 1 30 ? -16.615 9.510   -1.665  1.00 43.69 ? 64  GLN E CD  1 
ATOM   240 O OE1 . GLN A 1 30 ? -17.603 10.098  -2.120  1.00 40.98 ? 64  GLN E OE1 1 
ATOM   241 N NE2 . GLN A 1 30 ? -15.745 10.094  -0.854  1.00 38.99 ? 64  GLN E NE2 1 
ATOM   242 N N   . LEU A 1 31 ? -19.072 5.290   0.388   1.00 28.96 ? 65  LEU E N   1 
ATOM   243 C CA  . LEU A 1 31 ? -20.322 4.587   0.630   1.00 31.85 ? 65  LEU E CA  1 
ATOM   244 C C   . LEU A 1 31 ? -20.749 4.696   2.089   1.00 33.07 ? 65  LEU E C   1 
ATOM   245 O O   . LEU A 1 31 ? -21.925 4.960   2.378   1.00 30.69 ? 65  LEU E O   1 
ATOM   246 C CB  . LEU A 1 31 ? -20.179 3.130   0.195   1.00 30.32 ? 65  LEU E CB  1 
ATOM   247 C CG  . LEU A 1 31 ? -19.966 2.985   -1.321  1.00 33.73 ? 65  LEU E CG  1 
ATOM   248 C CD1 . LEU A 1 31 ? -20.027 1.532   -1.753  1.00 33.38 ? 65  LEU E CD1 1 
ATOM   249 C CD2 . LEU A 1 31 ? -20.986 3.815   -2.089  1.00 37.93 ? 65  LEU E CD2 1 
ATOM   250 N N   . GLN A 1 32 ? -19.809 4.510   3.028   1.00 31.58 ? 66  GLN E N   1 
ATOM   251 C CA  . GLN A 1 32 ? -20.153 4.637   4.446   1.00 29.85 ? 66  GLN E CA  1 
ATOM   252 C C   . GLN A 1 32 ? -20.775 5.992   4.737   1.00 33.71 ? 66  GLN E C   1 
ATOM   253 O O   . GLN A 1 32 ? -21.773 6.079   5.464   1.00 30.85 ? 66  GLN E O   1 
ATOM   254 C CB  . GLN A 1 32 ? -18.927 4.450   5.329   1.00 31.40 ? 66  GLN E CB  1 
ATOM   255 C CG  . GLN A 1 32 ? -19.272 4.351   6.800   1.00 36.73 ? 66  GLN E CG  1 
ATOM   256 C CD  . GLN A 1 32 ? -19.114 5.665   7.566   1.00 44.51 ? 66  GLN E CD  1 
ATOM   257 O OE1 . GLN A 1 32 ? -18.745 6.698   7.002   1.00 34.08 ? 66  GLN E OE1 1 
ATOM   258 N NE2 . GLN A 1 32 ? -19.390 5.619   8.870   1.00 43.65 ? 66  GLN E NE2 1 
ATOM   259 N N   . ALA A 1 33 ? -20.195 7.053   4.166   1.00 31.34 ? 67  ALA E N   1 
ATOM   260 C CA  . ALA A 1 33 ? -20.669 8.410   4.408   1.00 35.68 ? 67  ALA E CA  1 
ATOM   261 C C   . ALA A 1 33 ? -22.090 8.599   3.896   1.00 36.15 ? 67  ALA E C   1 
ATOM   262 O O   . ALA A 1 33 ? -22.924 9.216   4.569   1.00 36.11 ? 67  ALA E O   1 
ATOM   263 C CB  . ALA A 1 33 ? -19.714 9.409   3.745   1.00 32.64 ? 67  ALA E CB  1 
ATOM   264 N N   . ARG A 1 34 ? -22.390 8.057   2.708   1.00 33.81 ? 68  ARG E N   1 
ATOM   265 C CA  . ARG A 1 34 ? -23.733 8.174   2.144   1.00 36.96 ? 68  ARG E CA  1 
ATOM   266 C C   . ARG A 1 34 ? -24.754 7.379   2.943   1.00 40.44 ? 68  ARG E C   1 
ATOM   267 O O   . ARG A 1 34 ? -25.899 7.818   3.119   1.00 33.41 ? 68  ARG E O   1 
ATOM   268 C CB  . ARG A 1 34 ? -23.729 7.701   0.695   1.00 38.54 ? 68  ARG E CB  1 
ATOM   269 C CG  . ARG A 1 34 ? -23.425 8.777   -0.308  1.00 49.64 ? 68  ARG E CG  1 
ATOM   270 C CD  . ARG A 1 34 ? -23.421 8.198   -1.713  1.00 57.60 ? 68  ARG E CD  1 
ATOM   271 N NE  . ARG A 1 34 ? -22.064 7.984   -2.226  1.00 57.24 ? 68  ARG E NE  1 
ATOM   272 C CZ  . ARG A 1 34 ? -21.443 8.846   -3.027  1.00 53.45 ? 68  ARG E CZ  1 
ATOM   273 N NH1 . ARG A 1 34 ? -22.074 9.962   -3.390  1.00 55.85 ? 68  ARG E NH1 1 
ATOM   274 N NH2 . ARG A 1 34 ? -20.211 8.598   -3.461  1.00 43.01 ? 68  ARG E NH2 1 
ATOM   275 N N   . ILE A 1 35 ? -24.381 6.188   3.406   1.00 31.06 ? 69  ILE E N   1 
ATOM   276 C CA  . ILE A 1 35 ? -25.316 5.377   4.177   1.00 36.70 ? 69  ILE E CA  1 
ATOM   277 C C   . ILE A 1 35 ? -25.493 5.955   5.574   1.00 38.19 ? 69  ILE E C   1 
ATOM   278 O O   . ILE A 1 35 ? -26.619 6.128   6.063   1.00 36.29 ? 69  ILE E O   1 
ATOM   279 C CB  . ILE A 1 35 ? -24.835 3.917   4.233   1.00 33.98 ? 69  ILE E CB  1 
ATOM   280 C CG1 . ILE A 1 35 ? -24.912 3.278   2.853   1.00 41.04 ? 69  ILE E CG1 1 
ATOM   281 C CG2 . ILE A 1 35 ? -25.668 3.111   5.203   1.00 44.57 ? 69  ILE E CG2 1 
ATOM   282 C CD1 . ILE A 1 35 ? -23.809 2.270   2.647   1.00 37.50 ? 69  ILE E CD1 1 
ATOM   283 N N   . LEU A 1 36 ? -24.384 6.256   6.237   1.00 36.10 ? 70  LEU E N   1 
ATOM   284 C CA  . LEU A 1 36 ? -24.428 6.683   7.614   1.00 40.56 ? 70  LEU E CA  1 
ATOM   285 C C   . LEU A 1 36 ? -24.160 8.174   7.687   1.00 34.84 ? 70  LEU E C   1 
ATOM   286 O O   . LEU A 1 36 ? -24.069 8.711   8.778   1.00 45.26 ? 70  LEU E O   1 
ATOM   287 C CB  . LEU A 1 36 ? -23.413 5.899   8.451   1.00 46.39 ? 70  LEU E CB  1 
ATOM   288 C CG  . LEU A 1 36 ? -23.531 4.370   8.382   1.00 46.90 ? 70  LEU E CG  1 
ATOM   289 C CD1 . LEU A 1 36 ? -22.374 3.688   9.092   1.00 45.55 ? 70  LEU E CD1 1 
ATOM   290 C CD2 . LEU A 1 36 ? -24.847 3.919   8.985   1.00 41.34 ? 70  LEU E CD2 1 
ATOM   291 N N   . TRP B 2 1  ? -16.280 2.234   13.372  1.00 36.17 ? 117 TRP F N   1 
ATOM   292 C CA  . TRP B 2 1  ? -15.794 2.984   12.220  1.00 36.77 ? 117 TRP F CA  1 
ATOM   293 C C   . TRP B 2 1  ? -14.658 3.923   12.631  1.00 37.98 ? 117 TRP F C   1 
ATOM   294 O O   . TRP B 2 1  ? -13.740 4.178   11.834  1.00 39.47 ? 117 TRP F O   1 
ATOM   295 C CB  . TRP B 2 1  ? -16.953 3.728   11.563  1.00 38.20 ? 117 TRP F CB  1 
ATOM   296 C CG  . TRP B 2 1  ? -17.739 2.847   10.636  1.00 33.76 ? 117 TRP F CG  1 
ATOM   297 C CD1 . TRP B 2 1  ? -18.992 2.368   10.835  1.00 34.25 ? 117 TRP F CD1 1 
ATOM   298 C CD2 . TRP B 2 1  ? -17.309 2.341   9.357   1.00 36.62 ? 117 TRP F CD2 1 
ATOM   299 N NE1 . TRP B 2 1  ? -19.382 1.597   9.759   1.00 43.13 ? 117 TRP F NE1 1 
ATOM   300 C CE2 . TRP B 2 1  ? -18.367 1.565   8.839   1.00 34.19 ? 117 TRP F CE2 1 
ATOM   301 C CE3 . TRP B 2 1  ? -16.129 2.472   8.601   1.00 33.86 ? 117 TRP F CE3 1 
ATOM   302 C CZ2 . TRP B 2 1  ? -18.298 0.931   7.595   1.00 32.79 ? 117 TRP F CZ2 1 
ATOM   303 C CZ3 . TRP B 2 1  ? -16.059 1.829   7.358   1.00 32.73 ? 117 TRP F CZ3 1 
ATOM   304 C CH2 . TRP B 2 1  ? -17.129 1.065   6.876   1.00 30.68 ? 117 TRP F CH2 1 
ATOM   305 N N   . GLU B 2 2  ? -14.683 4.402   13.882  1.00 32.14 ? 118 GLU F N   1 
ATOM   306 C CA  . GLU B 2 2  ? -13.558 5.196   14.383  1.00 38.90 ? 118 GLU F CA  1 
ATOM   307 C C   . GLU B 2 2  ? -12.280 4.358   14.447  1.00 33.33 ? 118 GLU F C   1 
ATOM   308 O O   . GLU B 2 2  ? -11.212 4.793   14.003  1.00 37.77 ? 118 GLU F O   1 
ATOM   309 C CB  . GLU B 2 2  ? -13.893 5.781   15.762  1.00 48.91 ? 118 GLU F CB  1 
ATOM   310 C CG  . GLU B 2 2  ? -12.796 6.664   16.346  1.00 50.61 ? 118 GLU F CG  1 
ATOM   311 C CD  . GLU B 2 2  ? -13.109 7.153   17.759  1.00 54.24 ? 118 GLU F CD  1 
ATOM   312 O OE1 . GLU B 2 2  ? -14.278 7.069   18.182  1.00 60.91 ? 118 GLU F OE1 1 
ATOM   313 O OE2 . GLU B 2 2  ? -12.176 7.625   18.447  1.00 58.29 ? 118 GLU F OE2 1 
ATOM   314 N N   . GLU B 2 3  ? -12.374 3.147   14.994  1.00 37.62 ? 119 GLU F N   1 
ATOM   315 C CA  . GLU B 2 3  ? -11.208 2.276   15.047  1.00 41.99 ? 119 GLU F CA  1 
ATOM   316 C C   . GLU B 2 3  ? -10.785 1.838   13.648  1.00 35.35 ? 119 GLU F C   1 
ATOM   317 O O   . GLU B 2 3  ? -9.589  1.680   13.379  1.00 33.27 ? 119 GLU F O   1 
ATOM   318 C CB  . GLU B 2 3  ? -11.495 1.063   15.937  1.00 42.64 ? 119 GLU F CB  1 
ATOM   319 C CG  . GLU B 2 3  ? -10.325 0.076   16.041  1.00 46.90 ? 119 GLU F CG  1 
ATOM   320 C CD  . GLU B 2 3  ? -9.280  0.490   17.060  1.00 51.67 ? 119 GLU F CD  1 
ATOM   321 O OE1 . GLU B 2 3  ? -8.638  -0.408  17.644  1.00 57.95 ? 119 GLU F OE1 1 
ATOM   322 O OE2 . GLU B 2 3  ? -9.096  1.706   17.282  1.00 52.93 ? 119 GLU F OE2 1 
ATOM   323 N N   . TRP B 2 4  ? -11.749 1.629   12.751  1.00 32.42 ? 120 TRP F N   1 
ATOM   324 C CA  . TRP B 2 4  ? -11.429 1.355   11.351  1.00 32.56 ? 120 TRP F CA  1 
ATOM   325 C C   . TRP B 2 4  ? -10.587 2.472   10.742  1.00 30.36 ? 120 TRP F C   1 
ATOM   326 O O   . TRP B 2 4  ? -9.575  2.201   10.088  1.00 31.00 ? 120 TRP F O   1 
ATOM   327 C CB  . TRP B 2 4  ? -12.713 1.167   10.551  1.00 31.71 ? 120 TRP F CB  1 
ATOM   328 C CG  . TRP B 2 4  ? -12.517 0.693   9.125   1.00 30.02 ? 120 TRP F CG  1 
ATOM   329 C CD1 . TRP B 2 4  ? -12.391 -0.600  8.707   1.00 32.21 ? 120 TRP F CD1 1 
ATOM   330 C CD2 . TRP B 2 4  ? -12.516 1.498   7.943   1.00 29.02 ? 120 TRP F CD2 1 
ATOM   331 N NE1 . TRP B 2 4  ? -12.294 -0.651  7.336   1.00 29.62 ? 120 TRP F NE1 1 
ATOM   332 C CE2 . TRP B 2 4  ? -12.363 0.626   6.841   1.00 26.86 ? 120 TRP F CE2 1 
ATOM   333 C CE3 . TRP B 2 4  ? -12.640 2.872   7.703   1.00 30.57 ? 120 TRP F CE3 1 
ATOM   334 C CZ2 . TRP B 2 4  ? -12.297 1.085   5.523   1.00 22.93 ? 120 TRP F CZ2 1 
ATOM   335 C CZ3 . TRP B 2 4  ? -12.575 3.327   6.391   1.00 32.77 ? 120 TRP F CZ3 1 
ATOM   336 C CH2 . TRP B 2 4  ? -12.410 2.435   5.318   1.00 27.10 ? 120 TRP F CH2 1 
ATOM   337 N N   . ASP B 2 5  ? -10.988 3.733   10.947  1.00 30.08 ? 121 ASP F N   1 
ATOM   338 C CA  . ASP B 2 5  ? -10.207 4.866   10.438  1.00 29.82 ? 121 ASP F CA  1 
ATOM   339 C C   . ASP B 2 5  ? -8.799  4.889   11.013  1.00 32.86 ? 121 ASP F C   1 
ATOM   340 O O   . ASP B 2 5  ? -7.838  5.202   10.301  1.00 37.15 ? 121 ASP F O   1 
ATOM   341 C CB  . ASP B 2 5  ? -10.887 6.194   10.762  1.00 39.26 ? 121 ASP F CB  1 
ATOM   342 C CG  . ASP B 2 5  ? -12.099 6.462   9.904   1.00 43.31 ? 121 ASP F CG  1 
ATOM   343 O OD1 . ASP B 2 5  ? -12.146 5.963   8.757   1.00 44.05 ? 121 ASP F OD1 1 
ATOM   344 O OD2 . ASP B 2 5  ? -13.002 7.184   10.386  1.00 39.50 ? 121 ASP F OD2 1 
ATOM   345 N N   . LYS B 2 6  ? -8.655  4.602   12.307  1.00 35.19 ? 122 LYS F N   1 
ATOM   346 C CA  . LYS B 2 6  ? -7.335  4.684   12.918  1.00 36.82 ? 122 LYS F CA  1 
ATOM   347 C C   . LYS B 2 6  ? -6.429  3.564   12.423  1.00 31.68 ? 122 LYS F C   1 
ATOM   348 O O   . LYS B 2 6  ? -5.235  3.783   12.209  1.00 31.79 ? 122 LYS F O   1 
ATOM   349 C CB  . LYS B 2 6  ? -7.454  4.655   14.445  1.00 38.13 ? 122 LYS F CB  1 
ATOM   350 C CG  . LYS B 2 6  ? -8.139  5.904   15.032  1.00 42.71 ? 122 LYS F CG  1 
ATOM   351 C CD  . LYS B 2 6  ? -8.246  5.796   16.560  1.00 55.02 ? 122 LYS F CD  1 
ATOM   352 C CE  . LYS B 2 6  ? -8.901  7.031   17.195  1.00 62.58 ? 122 LYS F CE  1 
ATOM   353 N NZ  . LYS B 2 6  ? -9.013  6.885   18.682  1.00 61.88 ? 122 LYS F NZ  1 
ATOM   354 N N   . LYS B 2 7  ? -6.970  2.358   12.237  1.00 30.35 ? 123 LYS F N   1 
ATOM   355 C CA  . LYS B 2 7  ? -6.126  1.255   11.778  1.00 33.63 ? 123 LYS F CA  1 
ATOM   356 C C   . LYS B 2 7  ? -5.781  1.395   10.298  1.00 31.09 ? 123 LYS F C   1 
ATOM   357 O O   . LYS B 2 7  ? -4.651  1.080   9.885   1.00 35.87 ? 123 LYS F O   1 
ATOM   358 C CB  . LYS B 2 7  ? -6.810  -0.079  12.054  1.00 34.29 ? 123 LYS F CB  1 
ATOM   359 C CG  . LYS B 2 7  ? -6.961  -0.428  13.540  1.00 31.23 ? 123 LYS F CG  1 
ATOM   360 C CD  . LYS B 2 7  ? -7.679  -1.768  13.687  1.00 40.50 ? 123 LYS F CD  1 
ATOM   361 C CE  . LYS B 2 7  ? -7.813  -2.142  15.181  1.00 50.62 ? 123 LYS F CE  1 
ATOM   362 N NZ  . LYS B 2 7  ? -8.528  -3.434  15.458  1.00 52.60 ? 123 LYS F NZ  1 
ATOM   363 N N   . ILE B 2 8  ? -6.735  1.864   9.487   1.00 28.13 ? 124 ILE F N   1 
ATOM   364 C CA  . ILE B 2 8  ? -6.444  2.160   8.082   1.00 29.84 ? 124 ILE F CA  1 
ATOM   365 C C   . ILE B 2 8  ? -5.262  3.114   7.996   1.00 32.73 ? 124 ILE F C   1 
ATOM   366 O O   . ILE B 2 8  ? -4.281  2.858   7.290   1.00 33.85 ? 124 ILE F O   1 
ATOM   367 C CB  . ILE B 2 8  ? -7.684  2.743   7.371   1.00 32.42 ? 124 ILE F CB  1 
ATOM   368 C CG1 . ILE B 2 8  ? -8.808  1.696   7.182   1.00 30.71 ? 124 ILE F CG1 1 
ATOM   369 C CG2 . ILE B 2 8  ? -7.272  3.415   6.039   1.00 28.56 ? 124 ILE F CG2 1 
ATOM   370 C CD1 . ILE B 2 8  ? -8.567  0.612   6.151   1.00 29.91 ? 124 ILE F CD1 1 
ATOM   371 N N   . GLU B 2 9  ? -5.321  4.211   8.760   1.00 32.91 ? 125 GLU F N   1 
ATOM   372 C CA  . GLU B 2 9  ? -4.228  5.174   8.742   1.00 33.89 ? 125 GLU F CA  1 
ATOM   373 C C   . GLU B 2 9  ? -2.938  4.557   9.264   1.00 32.06 ? 125 GLU F C   1 
ATOM   374 O O   . GLU B 2 9  ? -1.871  4.785   8.695   1.00 36.82 ? 125 GLU F O   1 
ATOM   375 C CB  . GLU B 2 9  ? -4.609  6.423   9.547   1.00 39.23 ? 125 GLU F CB  1 
ATOM   376 C CG  . GLU B 2 9  ? -3.523  7.505   9.502   1.00 42.50 ? 125 GLU F CG  1 
ATOM   377 C CD  . GLU B 2 9  ? -3.889  8.779   10.251  1.00 55.31 ? 125 GLU F CD  1 
ATOM   378 O OE1 . GLU B 2 9  ? -4.987  8.814   10.849  1.00 58.72 ? 125 GLU F OE1 1 
ATOM   379 O OE2 . GLU B 2 9  ? -3.087  9.739   10.253  1.00 57.98 ? 125 GLU F OE2 1 
ATOM   380 N N   . GLU B 2 10 ? -3.016  3.761   10.335  1.00 35.86 ? 126 GLU F N   1 
ATOM   381 C CA  . GLU B 2 10 ? -1.815  3.141   10.893  1.00 36.84 ? 126 GLU F CA  1 
ATOM   382 C C   . GLU B 2 10 ? -1.138  2.238   9.873   1.00 35.43 ? 126 GLU F C   1 
ATOM   383 O O   . GLU B 2 10 ? 0.073   2.327   9.648   1.00 39.10 ? 126 GLU F O   1 
ATOM   384 C CB  . GLU B 2 10 ? -2.167  2.339   12.149  1.00 38.58 ? 126 GLU F CB  1 
ATOM   385 C CG  . GLU B 2 10 ? -1.054  1.391   12.596  1.00 42.84 ? 126 GLU F CG  1 
ATOM   386 C CD  . GLU B 2 10 ? -1.454  0.488   13.752  1.00 48.63 ? 126 GLU F CD  1 
ATOM   387 O OE1 . GLU B 2 10 ? -0.746  -0.518  14.004  1.00 52.25 ? 126 GLU F OE1 1 
ATOM   388 O OE2 . GLU B 2 10 ? -2.476  0.784   14.409  1.00 50.07 ? 126 GLU F OE2 1 
ATOM   389 N N   . TYR B 2 11 ? -1.903  1.333   9.272   1.00 34.28 ? 127 TYR F N   1 
ATOM   390 C CA  . TYR B 2 11 ? -1.308  0.358   8.374   1.00 36.19 ? 127 TYR F CA  1 
ATOM   391 C C   . TYR B 2 11 ? -0.908  0.984   7.044   1.00 38.93 ? 127 TYR F C   1 
ATOM   392 O O   . TYR B 2 11 ? 0.065   0.528   6.420   1.00 33.39 ? 127 TYR F O   1 
ATOM   393 C CB  . TYR B 2 11 ? -2.268  -0.813  8.186   1.00 32.20 ? 127 TYR F CB  1 
ATOM   394 C CG  . TYR B 2 11 ? -2.230  -1.764  9.364   1.00 38.44 ? 127 TYR F CG  1 
ATOM   395 C CD1 . TYR B 2 11 ? -1.122  -2.576  9.584   1.00 41.22 ? 127 TYR F CD1 1 
ATOM   396 C CD2 . TYR B 2 11 ? -3.284  -1.835  10.268  1.00 39.34 ? 127 TYR F CD2 1 
ATOM   397 C CE1 . TYR B 2 11 ? -1.065  -3.440  10.661  1.00 43.77 ? 127 TYR F CE1 1 
ATOM   398 C CE2 . TYR B 2 11 ? -3.239  -2.699  11.352  1.00 42.91 ? 127 TYR F CE2 1 
ATOM   399 C CZ  . TYR B 2 11 ? -2.131  -3.498  11.544  1.00 48.55 ? 127 TYR F CZ  1 
ATOM   400 O OH  . TYR B 2 11 ? -2.087  -4.360  12.622  1.00 50.34 ? 127 TYR F OH  1 
ATOM   401 N N   . THR B 2 12 ? -1.633  2.020   6.602   1.00 28.67 ? 128 THR F N   1 
ATOM   402 C CA  . THR B 2 12 ? -1.240  2.741   5.395   1.00 33.94 ? 128 THR F CA  1 
ATOM   403 C C   . THR B 2 12 ? 0.137   3.376   5.567   1.00 37.90 ? 128 THR F C   1 
ATOM   404 O O   . THR B 2 12 ? 0.976   3.312   4.668   1.00 32.11 ? 128 THR F O   1 
ATOM   405 C CB  . THR B 2 12 ? -2.269  3.820   5.046   1.00 39.12 ? 128 THR F CB  1 
ATOM   406 O OG1 . THR B 2 12 ? -3.552  3.219   4.831   1.00 31.72 ? 128 THR F OG1 1 
ATOM   407 C CG2 . THR B 2 12 ? -1.847  4.568   3.782   1.00 39.76 ? 128 THR F CG2 1 
ATOM   408 N N   . LYS B 2 13 ? 0.378   4.029   6.704   1.00 38.23 ? 129 LYS F N   1 
ATOM   409 C CA  . LYS B 2 13 ? 1.678   4.660   6.874   1.00 42.11 ? 129 LYS F CA  1 
ATOM   410 C C   . LYS B 2 13 ? 2.769   3.608   7.037   1.00 37.57 ? 129 LYS F C   1 
ATOM   411 O O   . LYS B 2 13 ? 3.879   3.776   6.523   1.00 38.54 ? 129 LYS F O   1 
ATOM   412 C CB  . LYS B 2 13 ? 1.651   5.634   8.050   1.00 46.88 ? 129 LYS F CB  1 
ATOM   413 C CG  . LYS B 2 13 ? 0.780   6.850   7.857   1.00 50.43 ? 129 LYS F CG  1 
ATOM   414 C CD  . LYS B 2 13 ? 0.804   7.735   9.087   1.00 52.07 ? 129 LYS F CD  1 
ATOM   415 C CE  . LYS B 2 13 ? -0.057  8.991   8.903   1.00 51.34 ? 129 LYS F CE  1 
ATOM   416 N NZ  . LYS B 2 13 ? -0.069  9.871   10.114  1.00 43.03 ? 129 LYS F NZ  1 
ATOM   417 N N   . LYS B 2 14 ? 2.459   2.496   7.710   1.00 38.47 ? 130 LYS F N   1 
ATOM   418 C CA  . LYS B 2 14 ? 3.407   1.392   7.799   1.00 40.59 ? 130 LYS F CA  1 
ATOM   419 C C   . LYS B 2 14 ? 3.747   0.842   6.417   1.00 40.19 ? 130 LYS F C   1 
ATOM   420 O O   . LYS B 2 14 ? 4.919   0.599   6.107   1.00 35.84 ? 130 LYS F O   1 
ATOM   421 C CB  . LYS B 2 14 ? 2.849   0.286   8.697   1.00 42.43 ? 130 LYS F CB  1 
ATOM   422 C CG  . LYS B 2 14 ? 2.725   0.695   10.161  1.00 44.35 ? 130 LYS F CG  1 
ATOM   423 C CD  . LYS B 2 14 ? 2.140   -0.437  11.006  1.00 49.78 ? 130 LYS F CD  1 
ATOM   424 C CE  . LYS B 2 14 ? 2.039   -0.035  12.476  1.00 50.87 ? 130 LYS F CE  1 
ATOM   425 N NZ  . LYS B 2 14 ? 1.452   -1.114  13.309  1.00 63.19 ? 130 LYS F NZ  1 
ATOM   426 N N   . ILE B 2 15 ? 2.737   0.633   5.568   1.00 36.69 ? 131 ILE F N   1 
ATOM   427 C CA  . ILE B 2 15 ? 3.005   0.094   4.236   1.00 33.82 ? 131 ILE F CA  1 
ATOM   428 C C   . ILE B 2 15 ? 3.769   1.103   3.389   1.00 36.61 ? 131 ILE F C   1 
ATOM   429 O O   . ILE B 2 15 ? 4.701   0.746   2.663   1.00 34.19 ? 131 ILE F O   1 
ATOM   430 C CB  . ILE B 2 15 ? 1.702   -0.331  3.539   1.00 38.27 ? 131 ILE F CB  1 
ATOM   431 C CG1 . ILE B 2 15 ? 1.099   -1.514  4.258   1.00 35.45 ? 131 ILE F CG1 1 
ATOM   432 C CG2 . ILE B 2 15 ? 1.985   -0.764  2.105   1.00 40.95 ? 131 ILE F CG2 1 
ATOM   433 C CD1 . ILE B 2 15 ? -0.331  -1.695  3.961   1.00 37.16 ? 131 ILE F CD1 1 
ATOM   434 N N   . GLU B 2 16 ? 3.361   2.373   3.431   1.00 35.51 ? 132 GLU F N   1 
ATOM   435 C CA  . GLU B 2 16 ? 4.094   3.372   2.661   1.00 35.33 ? 132 GLU F CA  1 
ATOM   436 C C   . GLU B 2 16 ? 5.561   3.399   3.067   1.00 40.47 ? 132 GLU F C   1 
ATOM   437 O O   . GLU B 2 16 ? 6.447   3.485   2.211   1.00 39.62 ? 132 GLU F O   1 
ATOM   438 C CB  . GLU B 2 16 ? 3.469   4.752   2.836   1.00 35.60 ? 132 GLU F CB  1 
ATOM   439 C CG  . GLU B 2 16 ? 2.330   5.039   1.873   1.00 38.88 ? 132 GLU F CG  1 
ATOM   440 C CD  . GLU B 2 16 ? 1.445   6.174   2.349   1.00 47.16 ? 132 GLU F CD  1 
ATOM   441 O OE1 . GLU B 2 16 ? 1.933   7.018   3.127   1.00 54.48 ? 132 GLU F OE1 1 
ATOM   442 O OE2 . GLU B 2 16 ? 0.264   6.220   1.951   1.00 44.98 ? 132 GLU F OE2 1 
ATOM   443 N N   . GLU B 2 17 ? 5.836   3.327   4.371   1.00 38.98 ? 133 GLU F N   1 
ATOM   444 C CA  . GLU B 2 17 ? 7.223   3.355   4.825   1.00 47.59 ? 133 GLU F CA  1 
ATOM   445 C C   . GLU B 2 17 ? 7.982   2.131   4.342   1.00 42.93 ? 133 GLU F C   1 
ATOM   446 O O   . GLU B 2 17 ? 9.155   2.232   3.951   1.00 42.78 ? 133 GLU F O   1 
ATOM   447 C CB  . GLU B 2 17 ? 7.278   3.459   6.349   1.00 43.87 ? 133 GLU F CB  1 
ATOM   448 C CG  . GLU B 2 17 ? 8.697   3.566   6.878   1.00 47.40 ? 133 GLU F CG  1 
ATOM   449 C CD  . GLU B 2 17 ? 8.756   3.717   8.384   1.00 58.75 ? 133 GLU F CD  1 
ATOM   450 O OE1 . GLU B 2 17 ? 7.677   3.701   9.019   1.00 60.10 ? 133 GLU F OE1 1 
ATOM   451 O OE2 . GLU B 2 17 ? 9.877   3.851   8.930   1.00 66.67 ? 133 GLU F OE2 1 
ATOM   452 N N   . LEU B 2 18 ? 7.330   0.965   4.362   1.00 38.17 ? 134 LEU F N   1 
ATOM   453 C CA  . LEU B 2 18 ? 7.979   -0.248  3.889   1.00 38.19 ? 134 LEU F CA  1 
ATOM   454 C C   . LEU B 2 18 ? 8.255   -0.185  2.392   1.00 38.29 ? 134 LEU F C   1 
ATOM   455 O O   . LEU B 2 18 ? 9.300   -0.658  1.928   1.00 37.63 ? 134 LEU F O   1 
ATOM   456 C CB  . LEU B 2 18 ? 7.127   -1.463  4.245   1.00 34.08 ? 134 LEU F CB  1 
ATOM   457 C CG  . LEU B 2 18 ? 7.069   -1.744  5.747   1.00 34.78 ? 134 LEU F CG  1 
ATOM   458 C CD1 . LEU B 2 18 ? 6.011   -2.787  6.061   1.00 39.72 ? 134 LEU F CD1 1 
ATOM   459 C CD2 . LEU B 2 18 ? 8.437   -2.162  6.305   1.00 37.47 ? 134 LEU F CD2 1 
ATOM   460 N N   . ILE B 2 19 ? 7.346   0.409   1.617   1.00 38.85 ? 135 ILE F N   1 
ATOM   461 C CA  . ILE B 2 19 ? 7.585   0.490   0.177   1.00 40.41 ? 135 ILE F CA  1 
ATOM   462 C C   . ILE B 2 19 ? 8.741   1.443   -0.118  1.00 39.92 ? 135 ILE F C   1 
ATOM   463 O O   . ILE B 2 19 ? 9.622   1.133   -0.929  1.00 38.62 ? 135 ILE F O   1 
ATOM   464 C CB  . ILE B 2 19 ? 6.298   0.885   -0.570  1.00 32.82 ? 135 ILE F CB  1 
ATOM   465 C CG1 . ILE B 2 19 ? 5.273   -0.247  -0.491  1.00 32.05 ? 135 ILE F CG1 1 
ATOM   466 C CG2 . ILE B 2 19 ? 6.584   1.173   -2.032  1.00 36.57 ? 135 ILE F CG2 1 
ATOM   467 C CD1 . ILE B 2 19 ? 3.840   0.188   -0.868  1.00 35.30 ? 135 ILE F CD1 1 
ATOM   468 N N   . LYS B 2 20 ? 8.813   2.560   0.578   1.00 38.65 ? 136 LYS F N   1 
ATOM   469 C CA  . LYS B 2 20 ? 9.929   3.463   0.369   1.00 44.98 ? 136 LYS F CA  1 
ATOM   470 C C   . LYS B 2 20 ? 11.211  2.769   0.756   1.00 46.48 ? 136 LYS F C   1 
ATOM   471 O O   . LYS B 2 20 ? 12.173  2.806   0.037   1.00 44.60 ? 136 LYS F O   1 
ATOM   472 C CB  . LYS B 2 20 ? 9.830   4.742   1.178   1.00 48.76 ? 136 LYS F CB  1 
ATOM   473 C CG  . LYS B 2 20 ? 8.716   5.715   0.830   1.00 54.30 ? 136 LYS F CG  1 
ATOM   474 C CD  . LYS B 2 20 ? 8.643   6.970   1.685   1.00 56.99 ? 136 LYS F CD  1 
ATOM   475 C CE  . LYS B 2 20 ? 7.506   7.873   1.223   1.00 54.90 ? 136 LYS F CE  1 
ATOM   476 N NZ  . LYS B 2 20 ? 7.354   9.101   2.016   1.00 44.00 ? 136 LYS F NZ  1 
ATOM   477 N N   . LYS B 2 21 ? 11.217  2.139   1.914   1.00 45.95 ? 137 LYS F N   1 
ATOM   478 C CA  . LYS B 2 21 ? 12.418  1.429   2.358   1.00 42.47 ? 137 LYS F CA  1 
ATOM   479 C C   . LYS B 2 21 ? 12.873  0.414   1.314   1.00 45.21 ? 137 LYS F C   1 
ATOM   480 O O   . LYS B 2 21 ? 14.066  0.330   0.985   1.00 39.27 ? 137 LYS F O   1 
ATOM   481 C CB  . LYS B 2 21 ? 12.142  0.751   3.705   1.00 44.30 ? 137 LYS F CB  1 
ATOM   482 C CG  . LYS B 2 21 ? 13.327  0.030   4.329   1.00 48.54 ? 137 LYS F CG  1 
ATOM   483 C CD  . LYS B 2 21 ? 12.962  -0.573  5.693   1.00 44.81 ? 137 LYS F CD  1 
ATOM   484 C CE  . LYS B 2 21 ? 14.143  -1.324  6.320   1.00 53.85 ? 137 LYS F CE  1 
ATOM   485 N NZ  . LYS B 2 21 ? 13.806  -1.921  7.657   1.00 47.80 ? 137 LYS F NZ  1 
ATOM   486 N N   . SER B 2 22 ? 11.926  -0.355  0.765   1.00 40.85 ? 138 SER F N   1 
ATOM   487 C CA  . SER B 2 22 ? 12.251  -1.348  -0.258  1.00 39.90 ? 138 SER F CA  1 
ATOM   488 C C   . SER B 2 22 ? 12.743  -0.692  -1.544  1.00 42.28 ? 138 SER F C   1 
ATOM   489 O O   . SER B 2 22 ? 13.617  -1.235  -2.234  1.00 41.22 ? 138 SER F O   1 
ATOM   490 C CB  . SER B 2 22 ? 11.028  -2.221  -0.545  1.00 42.55 ? 138 SER F CB  1 
ATOM   491 O OG  . SER B 2 22 ? 10.433  -2.674  0.657   1.00 36.04 ? 138 SER F OG  1 
ATOM   492 N N   . GLU B 2 23 ? 12.181  0.461   -1.905  1.00 39.00 ? 139 GLU F N   1 
ATOM   493 C CA  . GLU B 2 23 ? 12.684  1.145   -3.094  1.00 44.60 ? 139 GLU F CA  1 
ATOM   494 C C   . GLU B 2 23 ? 14.141  1.574   -2.906  1.00 46.86 ? 139 GLU F C   1 
ATOM   495 O O   . GLU B 2 23 ? 14.957  1.424   -3.821  1.00 46.82 ? 139 GLU F O   1 
ATOM   496 C CB  . GLU B 2 23 ? 11.799  2.337   -3.438  1.00 45.88 ? 139 GLU F CB  1 
ATOM   497 C CG  . GLU B 2 23 ? 10.396  1.948   -3.916  1.00 53.83 ? 139 GLU F CG  1 
ATOM   498 C CD  . GLU B 2 23 ? 9.467   3.137   -4.021  1.00 55.84 ? 139 GLU F CD  1 
ATOM   499 O OE1 . GLU B 2 23 ? 8.381   3.004   -4.626  1.00 63.29 ? 139 GLU F OE1 1 
ATOM   500 O OE2 . GLU B 2 23 ? 9.827   4.213   -3.499  1.00 59.94 ? 139 GLU F OE2 1 
ATOM   501 N N   . GLU B 2 24 ? 14.492  2.081   -1.720  1.00 42.03 ? 140 GLU F N   1 
ATOM   502 C CA  . GLU B 2 24 ? 15.881  2.467   -1.468  1.00 49.40 ? 140 GLU F CA  1 
ATOM   503 C C   . GLU B 2 24 ? 16.800  1.250   -1.467  1.00 49.84 ? 140 GLU F C   1 
ATOM   504 O O   . GLU B 2 24 ? 17.932  1.315   -1.967  1.00 49.12 ? 140 GLU F O   1 
ATOM   505 C CB  . GLU B 2 24 ? 15.991  3.222   -0.144  1.00 45.94 ? 140 GLU F CB  1 
ATOM   506 C CG  . GLU B 2 24 ? 15.298  4.584   -0.160  1.00 54.60 ? 140 GLU F CG  1 
ATOM   507 C CD  . GLU B 2 24 ? 15.349  5.300   1.183   1.00 58.32 ? 140 GLU F CD  1 
ATOM   508 O OE1 . GLU B 2 24 ? 15.754  4.667   2.185   1.00 60.47 ? 140 GLU F OE1 1 
ATOM   509 O OE2 . GLU B 2 24 ? 14.972  6.496   1.239   1.00 65.34 ? 140 GLU F OE2 1 
ATOM   510 N N   . GLN B 2 25 ? 16.333  0.134   -0.907  1.00 41.82 ? 141 GLN F N   1 
ATOM   511 C CA  . GLN B 2 25 ? 17.123  -1.087  -0.951  1.00 44.42 ? 141 GLN F CA  1 
ATOM   512 C C   . GLN B 2 25 ? 17.254  -1.615  -2.375  1.00 46.90 ? 141 GLN F C   1 
ATOM   513 O O   . GLN B 2 25 ? 18.282  -2.206  -2.724  1.00 48.47 ? 141 GLN F O   1 
ATOM   514 C CB  . GLN B 2 25 ? 16.489  -2.133  -0.034  1.00 45.44 ? 141 GLN F CB  1 
ATOM   515 C CG  . GLN B 2 25 ? 17.291  -3.409  0.095   1.00 48.34 ? 141 GLN F CG  1 
ATOM   516 C CD  . GLN B 2 25 ? 18.638  -3.180  0.745   1.00 50.72 ? 141 GLN F CD  1 
ATOM   517 O OE1 . GLN B 2 25 ? 18.719  -2.720  1.885   1.00 55.06 ? 141 GLN F OE1 1 
ATOM   518 N NE2 . GLN B 2 25 ? 19.705  -3.496  0.021   1.00 46.96 ? 141 GLN F NE2 1 
ATOM   519 N N   . GLN B 2 26 ? 16.239  -1.405  -3.218  1.00 41.24 ? 142 GLN F N   1 
ATOM   520 C CA  . GLN B 2 26 ? 16.294  -1.945  -4.576  1.00 46.55 ? 142 GLN F CA  1 
ATOM   521 C C   . GLN B 2 26 ? 17.288  -1.181  -5.441  1.00 51.40 ? 142 GLN F C   1 
ATOM   522 O O   . GLN B 2 26 ? 18.000  -1.779  -6.252  1.00 50.57 ? 142 GLN F O   1 
ATOM   523 C CB  . GLN B 2 26 ? 14.910  -1.922  -5.226  1.00 44.52 ? 142 GLN F CB  1 
ATOM   524 C CG  . GLN B 2 26 ? 14.852  -2.620  -6.584  1.00 43.89 ? 142 GLN F CG  1 
ATOM   525 C CD  . GLN B 2 26 ? 14.875  -4.133  -6.457  1.00 47.31 ? 142 GLN F CD  1 
ATOM   526 O OE1 . GLN B 2 26 ? 14.328  -4.683  -5.503  1.00 47.62 ? 142 GLN F OE1 1 
ATOM   527 N NE2 . GLN B 2 26 ? 15.511  -4.816  -7.419  1.00 43.03 ? 142 GLN F NE2 1 
ATOM   528 N N   . LYS B 2 27 ? 17.338  0.144   -5.306  1.00 49.54 ? 143 LYS F N   1 
ATOM   529 C CA  . LYS B 2 27 ? 18.256  0.911   -6.139  1.00 49.88 ? 143 LYS F CA  1 
ATOM   530 C C   . LYS B 2 27 ? 19.698  0.582   -5.799  1.00 61.07 ? 143 LYS F C   1 
ATOM   531 O O   . LYS B 2 27 ? 20.567  0.595   -6.679  1.00 57.61 ? 143 LYS F O   1 
ATOM   532 C CB  . LYS B 2 27 ? 17.986  2.409   -5.989  1.00 57.10 ? 143 LYS F CB  1 
ATOM   533 C CG  . LYS B 2 27 ? 18.222  2.947   -4.590  1.00 62.52 ? 143 LYS F CG  1 
ATOM   534 C CD  . LYS B 2 27 ? 17.691  4.360   -4.404  1.00 59.26 ? 143 LYS F CD  1 
ATOM   535 C CE  . LYS B 2 27 ? 18.088  4.894   -3.035  1.00 60.23 ? 143 LYS F CE  1 
ATOM   536 N NZ  . LYS B 2 27 ? 17.227  6.018   -2.569  1.00 65.76 ? 143 LYS F NZ  1 
ATOM   537 N N   . LYS B 2 28 ? 19.964  0.257   -4.532  1.00 57.47 ? 144 LYS F N   1 
ATOM   538 C CA  . LYS B 2 28 ? 21.294  -0.193  -4.145  1.00 55.37 ? 144 LYS F CA  1 
ATOM   539 C C   . LYS B 2 28 ? 21.675  -1.486  -4.857  1.00 60.68 ? 144 LYS F C   1 
ATOM   540 O O   . LYS B 2 28 ? 22.798  -1.620  -5.365  1.00 59.84 ? 144 LYS F O   1 
ATOM   541 C CB  . LYS B 2 28 ? 21.347  -0.392  -2.632  1.00 56.36 ? 144 LYS F CB  1 
ATOM   542 C CG  . LYS B 2 28 ? 21.221  0.875   -1.820  1.00 48.26 ? 144 LYS F CG  1 
ATOM   543 C CD  . LYS B 2 28 ? 21.268  0.501   -0.350  1.00 53.79 ? 144 LYS F CD  1 
ATOM   544 C CE  . LYS B 2 28 ? 21.172  1.713   0.566   1.00 58.51 ? 144 LYS F CE  1 
ATOM   545 N NZ  . LYS B 2 28 ? 21.199  1.299   2.015   1.00 53.60 ? 144 LYS F NZ  1 
ATOM   546 N N   . ASN B 2 29 ? 20.761  -2.452  -4.889  1.00 54.20 ? 145 ASN F N   1 
ATOM   547 C CA  . ASN B 2 29 ? 21.029  -3.757  -5.481  1.00 55.27 ? 145 ASN F CA  1 
ATOM   548 C C   . ASN B 2 29 ? 21.228  -3.646  -6.984  1.00 50.51 ? 145 ASN F C   1 
ATOM   549 O O   . ASN B 2 29 ? 20.258  -3.498  -7.733  1.00 63.63 ? 145 ASN F O   1 
ATOM   550 C CB  . ASN B 2 29 ? 19.889  -4.734  -5.164  1.00 53.44 ? 145 ASN F CB  1 
ATOM   551 C CG  . ASN B 2 29 ? 19.772  -5.029  -3.675  1.00 56.04 ? 145 ASN F CG  1 
ATOM   552 O OD1 . ASN B 2 29 ? 20.684  -4.729  -2.890  1.00 54.16 ? 145 ASN F OD1 1 
ATOM   553 N ND2 . ASN B 2 29 ? 18.650  -5.623  -3.277  1.00 53.50 ? 145 ASN F ND2 1 
HETATM 554 O O   . HOH C 3 .  ? 9.539   -5.478  -13.161 1.00 43.50 ? 101 HOH E O   1 
HETATM 555 O O   . HOH C 3 .  ? 0.610   -7.470  -1.721  0.33 25.67 ? 102 HOH E O   1 
HETATM 556 O O   . HOH C 3 .  ? -9.473  -3.956  -0.632  0.33 26.15 ? 103 HOH E O   1 
HETATM 557 O O   . HOH C 3 .  ? 3.984   -0.564  -9.595  1.00 42.78 ? 104 HOH E O   1 
HETATM 558 O O   . HOH C 3 .  ? 19.176  -8.393  -13.628 1.00 55.45 ? 105 HOH E O   1 
HETATM 559 O O   . HOH C 3 .  ? -3.956  5.807   -6.337  1.00 54.16 ? 106 HOH E O   1 
HETATM 560 O O   . HOH C 3 .  ? -6.256  6.594   3.534   1.00 52.44 ? 107 HOH E O   1 
HETATM 561 O O   . HOH C 3 .  ? -9.542  7.644   1.098   1.00 50.53 ? 108 HOH E O   1 
HETATM 562 O O   . HOH C 3 .  ? -10.927 9.695   0.901   1.00 61.37 ? 109 HOH E O   1 
HETATM 563 O O   . HOH D 3 .  ? -7.537  -1.128  19.259  1.00 52.65 ? 201 HOH F O   1 
HETATM 564 O O   . HOH D 3 .  ? -16.100 0.561   14.714  1.00 40.98 ? 202 HOH F O   1 
HETATM 565 O O   . HOH D 3 .  ? 17.126  -6.569  -4.552  1.00 49.58 ? 203 HOH F O   1 
HETATM 566 O O   . HOH D 3 .  ? 15.589  3.604   4.151   1.00 53.69 ? 204 HOH F O   1 
HETATM 567 O O   . HOH D 3 .  ? -3.540  2.493   15.427  1.00 53.54 ? 205 HOH F O   1 
HETATM 568 O O   . HOH D 3 .  ? -14.441 0.698   13.664  1.00 40.65 ? 206 HOH F O   1 
HETATM 569 O O   . HOH D 3 .  ? 16.640  -2.180  3.574   1.00 49.70 ? 207 HOH F O   1 
HETATM 570 O O   . HOH D 3 .  ? -1.619  8.045   2.737   1.00 49.53 ? 208 HOH F O   1 
HETATM 571 O O   . HOH D 3 .  ? 2.740   0.137   15.382  1.00 47.75 ? 209 HOH F O   1 
HETATM 572 O O   . HOH D 3 .  ? -14.437 6.851   7.410   1.00 36.80 ? 210 HOH F O   1 
HETATM 573 O O   . HOH D 3 .  ? 23.544  2.661   4.029   1.00 47.51 ? 211 HOH F O   1 
HETATM 574 O O   . HOH D 3 .  ? 16.543  0.370   3.454   1.00 53.87 ? 212 HOH F O   1 
HETATM 575 O O   . HOH D 3 .  ? -4.767  6.840   5.094   1.00 50.92 ? 213 HOH F O   1 
HETATM 576 O O   . HOH D 3 .  ? -11.795 -3.157  13.229  1.00 46.52 ? 214 HOH F O   1 
# 
loop_
_pdbx_poly_seq_scheme.asym_id 
_pdbx_poly_seq_scheme.entity_id 
_pdbx_poly_seq_scheme.seq_id 
_pdbx_poly_seq_scheme.mon_id 
_pdbx_poly_seq_scheme.ndb_seq_num 
_pdbx_poly_seq_scheme.pdb_seq_num 
_pdbx_poly_seq_scheme.auth_seq_num 
_pdbx_poly_seq_scheme.pdb_mon_id 
_pdbx_poly_seq_scheme.auth_mon_id 
_pdbx_poly_seq_scheme.pdb_strand_id 
_pdbx_poly_seq_scheme.pdb_ins_code 
_pdbx_poly_seq_scheme.hetero 
A 1 1  SER 1  35  35  SER SER E . n 
A 1 2  GLY 2  36  36  GLY GLY E . n 
A 1 3  ILE 3  37  37  ILE ILE E . n 
A 1 4  VAL 4  38  38  VAL VAL E . n 
A 1 5  GLN 5  39  39  GLN GLN E . n 
A 1 6  GLN 6  40  40  GLN GLN E . n 
A 1 7  GLN 7  41  41  GLN GLN E . n 
A 1 8  ASN 8  42  42  ASN ASN E . n 
A 1 9  ASN 9  43  43  ASN ASN E . n 
A 1 10 LEU 10 44  44  LEU LEU E . n 
A 1 11 LEU 11 45  45  LEU LEU E . n 
A 1 12 ARG 12 46  46  ARG ARG E . n 
A 1 13 ALA 13 47  47  ALA ALA E . n 
A 1 14 ILE 14 48  48  ILE ILE E . n 
A 1 15 GLU 15 49  49  GLU GLU E . n 
A 1 16 ALA 16 50  50  ALA ALA E . n 
A 1 17 GLN 17 51  51  GLN GLN E . n 
A 1 18 GLN 18 52  52  GLN GLN E . n 
A 1 19 HIS 19 53  53  HIS HIS E . n 
A 1 20 LEU 20 54  54  LEU LEU E . n 
A 1 21 LEU 21 55  55  LEU LEU E . n 
A 1 22 GLN 22 56  56  GLN GLN E . n 
A 1 23 LEU 23 57  57  LEU LEU E . n 
A 1 24 THR 24 58  58  THR THR E . n 
A 1 25 VAL 25 59  59  VAL VAL E . n 
A 1 26 TRP 26 60  60  TRP TRP E . n 
A 1 27 GLY 27 61  61  GLY GLY E . n 
A 1 28 ILE 28 62  62  ILE ILE E . n 
A 1 29 LYS 29 63  63  LYS LYS E . n 
A 1 30 GLN 30 64  64  GLN GLN E . n 
A 1 31 LEU 31 65  65  LEU LEU E . n 
A 1 32 GLN 32 66  66  GLN GLN E . n 
A 1 33 ALA 33 67  67  ALA ALA E . n 
A 1 34 ARG 34 68  68  ARG ARG E . n 
A 1 35 ILE 35 69  69  ILE ILE E . n 
A 1 36 LEU 36 70  70  LEU LEU E . n 
B 2 1  TRP 1  117 117 TRP TRP F . n 
B 2 2  GLU 2  118 118 GLU GLU F . n 
B 2 3  GLU 3  119 119 GLU GLU F . n 
B 2 4  TRP 4  120 120 TRP TRP F . n 
B 2 5  ASP 5  121 121 ASP ASP F . n 
B 2 6  LYS 6  122 122 LYS LYS F . n 
B 2 7  LYS 7  123 123 LYS LYS F . n 
B 2 8  ILE 8  124 124 ILE ILE F . n 
B 2 9  GLU 9  125 125 GLU GLU F . n 
B 2 10 GLU 10 126 126 GLU GLU F . n 
B 2 11 TYR 11 127 127 TYR TYR F . n 
B 2 12 THR 12 128 128 THR THR F . n 
B 2 13 LYS 13 129 129 LYS LYS F . n 
B 2 14 LYS 14 130 130 LYS LYS F . n 
B 2 15 ILE 15 131 131 ILE ILE F . n 
B 2 16 GLU 16 132 132 GLU GLU F . n 
B 2 17 GLU 17 133 133 GLU GLU F . n 
B 2 18 LEU 18 134 134 LEU LEU F . n 
B 2 19 ILE 19 135 135 ILE ILE F . n 
B 2 20 LYS 20 136 136 LYS LYS F . n 
B 2 21 LYS 21 137 137 LYS LYS F . n 
B 2 22 SER 22 138 138 SER SER F . n 
B 2 23 GLU 23 139 139 GLU GLU F . n 
B 2 24 GLU 24 140 140 GLU GLU F . n 
B 2 25 GLN 25 141 141 GLN GLN F . n 
B 2 26 GLN 26 142 142 GLN GLN F . n 
B 2 27 LYS 27 143 143 LYS LYS F . n 
B 2 28 LYS 28 144 144 LYS LYS F . n 
B 2 29 ASN 29 145 145 ASN ASN F . n 
# 
loop_
_pdbx_nonpoly_scheme.asym_id 
_pdbx_nonpoly_scheme.entity_id 
_pdbx_nonpoly_scheme.mon_id 
_pdbx_nonpoly_scheme.ndb_seq_num 
_pdbx_nonpoly_scheme.pdb_seq_num 
_pdbx_nonpoly_scheme.auth_seq_num 
_pdbx_nonpoly_scheme.pdb_mon_id 
_pdbx_nonpoly_scheme.auth_mon_id 
_pdbx_nonpoly_scheme.pdb_strand_id 
_pdbx_nonpoly_scheme.pdb_ins_code 
C 3 HOH 1  101 3  HOH HOH E . 
C 3 HOH 2  102 1  HOH HOH E . 
C 3 HOH 3  103 4  HOH HOH E . 
C 3 HOH 4  104 22 HOH HOH E . 
C 3 HOH 5  105 9  HOH HOH E . 
C 3 HOH 6  106 13 HOH HOH E . 
C 3 HOH 7  107 21 HOH HOH E . 
C 3 HOH 8  108 8  HOH HOH E . 
C 3 HOH 9  109 11 HOH HOH E . 
D 3 HOH 1  201 19 HOH HOH F . 
D 3 HOH 2  202 15 HOH HOH F . 
D 3 HOH 3  203 5  HOH HOH F . 
D 3 HOH 4  204 18 HOH HOH F . 
D 3 HOH 5  205 10 HOH HOH F . 
D 3 HOH 6  206 20 HOH HOH F . 
D 3 HOH 7  207 16 HOH HOH F . 
D 3 HOH 8  208 12 HOH HOH F . 
D 3 HOH 9  209 14 HOH HOH F . 
D 3 HOH 10 210 2  HOH HOH F . 
D 3 HOH 11 211 7  HOH HOH F . 
D 3 HOH 12 212 17 HOH HOH F . 
D 3 HOH 13 213 23 HOH HOH F . 
D 3 HOH 14 214 6  HOH HOH F . 
# 
_pdbx_struct_assembly.id                   1 
_pdbx_struct_assembly.details              author_and_software_defined_assembly 
_pdbx_struct_assembly.method_details       PISA 
_pdbx_struct_assembly.oligomeric_details   hexameric 
_pdbx_struct_assembly.oligomeric_count     6 
# 
_pdbx_struct_assembly_gen.assembly_id       1 
_pdbx_struct_assembly_gen.oper_expression   1,2,3 
_pdbx_struct_assembly_gen.asym_id_list      A,B,C,D 
# 
loop_
_pdbx_struct_assembly_prop.biol_id 
_pdbx_struct_assembly_prop.type 
_pdbx_struct_assembly_prop.value 
_pdbx_struct_assembly_prop.details 
1 'ABSA (A^2)' 11030 ? 
1 MORE         -87   ? 
1 'SSA (A^2)'  9630  ? 
# 
loop_
_pdbx_struct_oper_list.id 
_pdbx_struct_oper_list.type 
_pdbx_struct_oper_list.name 
_pdbx_struct_oper_list.symmetry_operation 
_pdbx_struct_oper_list.matrix[1][1] 
_pdbx_struct_oper_list.matrix[1][2] 
_pdbx_struct_oper_list.matrix[1][3] 
_pdbx_struct_oper_list.vector[1] 
_pdbx_struct_oper_list.matrix[2][1] 
_pdbx_struct_oper_list.matrix[2][2] 
_pdbx_struct_oper_list.matrix[2][3] 
_pdbx_struct_oper_list.vector[2] 
_pdbx_struct_oper_list.matrix[3][1] 
_pdbx_struct_oper_list.matrix[3][2] 
_pdbx_struct_oper_list.matrix[3][3] 
_pdbx_struct_oper_list.vector[3] 
1 'identity operation'         1_555 x,y,z         1.0000000000 0.0000000000  0.0000000000  0.0000000000  0.0000000000  1.0000000000  0.0000000000  0.0000000000   0.0000000000  0.0000000000  1.0000000000  0.0000000000  
2 'crystal symmetry operation' 2_675 -y+1,x-y+2,z  0.8237457842 -0.3735238549 -0.4265241059 -3.4173244300 -0.5492492168 -0.3391854856 -0.7637267209 -10.9846612603 0.1405993629  0.8633846977  -0.4845602986 3.8087364796  
3 'crystal symmetry operation' 3_465 -x+y-1,-x+1,z 0.8237457842 -0.5492492168 0.1405993629  -3.7538159248 -0.3735238549 -0.3391854856 0.8633846977  -8.2906946525  -0.4265241059 -0.7637267209 -0.4845602986 -8.0012880840 
# 
loop_
_pdbx_struct_special_symmetry.id 
_pdbx_struct_special_symmetry.PDB_model_num 
_pdbx_struct_special_symmetry.auth_asym_id 
_pdbx_struct_special_symmetry.auth_comp_id 
_pdbx_struct_special_symmetry.auth_seq_id 
_pdbx_struct_special_symmetry.PDB_ins_code 
_pdbx_struct_special_symmetry.label_asym_id 
_pdbx_struct_special_symmetry.label_comp_id 
_pdbx_struct_special_symmetry.label_seq_id 
1 1 E HOH 102 ? C HOH . 
2 1 E HOH 103 ? C HOH . 
# 
loop_
_pdbx_audit_revision_history.ordinal 
_pdbx_audit_revision_history.data_content_type 
_pdbx_audit_revision_history.major_revision 
_pdbx_audit_revision_history.minor_revision 
_pdbx_audit_revision_history.revision_date 
1 'Structure model' 1 0 2018-01-10 
2 'Structure model' 1 1 2018-01-31 
3 'Structure model' 1 2 2018-02-07 
4 'Structure model' 1 3 2018-03-28 
5 'Structure model' 1 4 2023-11-22 
# 
_pdbx_audit_revision_details.ordinal             1 
_pdbx_audit_revision_details.revision_ordinal    1 
_pdbx_audit_revision_details.data_content_type   'Structure model' 
_pdbx_audit_revision_details.provider            repository 
_pdbx_audit_revision_details.type                'Initial release' 
_pdbx_audit_revision_details.description         ? 
_pdbx_audit_revision_details.details             ? 
# 
loop_
_pdbx_audit_revision_group.ordinal 
_pdbx_audit_revision_group.revision_ordinal 
_pdbx_audit_revision_group.data_content_type 
_pdbx_audit_revision_group.group 
1 2 'Structure model' 'Database references'    
2 3 'Structure model' 'Data collection'        
3 4 'Structure model' 'Database references'    
4 5 'Structure model' 'Data collection'        
5 5 'Structure model' 'Database references'    
6 5 'Structure model' 'Refinement description' 
# 
loop_
_pdbx_audit_revision_category.ordinal 
_pdbx_audit_revision_category.revision_ordinal 
_pdbx_audit_revision_category.data_content_type 
_pdbx_audit_revision_category.category 
1 2 'Structure model' citation                      
2 2 'Structure model' citation_author               
3 3 'Structure model' diffrn_source                 
4 4 'Structure model' citation                      
5 5 'Structure model' chem_comp_atom                
6 5 'Structure model' chem_comp_bond                
7 5 'Structure model' database_2                    
8 5 'Structure model' pdbx_initial_refinement_model 
# 
loop_
_pdbx_audit_revision_item.ordinal 
_pdbx_audit_revision_item.revision_ordinal 
_pdbx_audit_revision_item.data_content_type 
_pdbx_audit_revision_item.item 
1 2 'Structure model' '_citation.journal_abbrev'                 
2 2 'Structure model' '_citation.pdbx_database_id_DOI'           
3 2 'Structure model' '_citation.pdbx_database_id_PubMed'        
4 2 'Structure model' '_citation_author.name'                    
5 3 'Structure model' '_diffrn_source.pdbx_synchrotron_beamline' 
6 3 'Structure model' '_diffrn_source.pdbx_synchrotron_site'     
7 4 'Structure model' '_citation.journal_volume'                 
8 5 'Structure model' '_database_2.pdbx_DOI'                     
9 5 'Structure model' '_database_2.pdbx_database_accession'      
# 
loop_
_software.citation_id 
_software.classification 
_software.compiler_name 
_software.compiler_version 
_software.contact_author 
_software.contact_author_email 
_software.date 
_software.description 
_software.dependencies 
_software.hardware 
_software.language 
_software.location 
_software.mods 
_software.name 
_software.os 
_software.os_version 
_software.type 
_software.version 
_software.pdbx_ordinal 
? refinement       ? ? ? ? ? ? ? ? ? ? ? PHENIX ? ? ? '(1.10.1_2155: ???)' 1 
? 'data reduction' ? ? ? ? ? ? ? ? ? ? ? XDS    ? ? ? .                    2 
? 'data scaling'   ? ? ? ? ? ? ? ? ? ? ? XDS    ? ? ? .                    3 
? phasing          ? ? ? ? ? ? ? ? ? ? ? PHASER ? ? ? .                    4 
# 
loop_
_pdbx_validate_close_contact.id 
_pdbx_validate_close_contact.PDB_model_num 
_pdbx_validate_close_contact.auth_atom_id_1 
_pdbx_validate_close_contact.auth_asym_id_1 
_pdbx_validate_close_contact.auth_comp_id_1 
_pdbx_validate_close_contact.auth_seq_id_1 
_pdbx_validate_close_contact.PDB_ins_code_1 
_pdbx_validate_close_contact.label_alt_id_1 
_pdbx_validate_close_contact.auth_atom_id_2 
_pdbx_validate_close_contact.auth_asym_id_2 
_pdbx_validate_close_contact.auth_comp_id_2 
_pdbx_validate_close_contact.auth_seq_id_2 
_pdbx_validate_close_contact.PDB_ins_code_2 
_pdbx_validate_close_contact.label_alt_id_2 
_pdbx_validate_close_contact.dist 
1 1 O   F HOH 202 ? ? O F HOH 206 ? ? 1.97 
2 1 OE1 F GLU 119 ? ? O F HOH 201 ? ? 2.08 
3 1 N   F TRP 117 ? ? O F HOH 202 ? ? 2.15 
4 1 O   E HOH 107 ? ? O F HOH 213 ? ? 2.17 
# 
loop_
_chem_comp_atom.comp_id 
_chem_comp_atom.atom_id 
_chem_comp_atom.type_symbol 
_chem_comp_atom.pdbx_aromatic_flag 
_chem_comp_atom.pdbx_stereo_config 
_chem_comp_atom.pdbx_ordinal 
ALA N    N N N 1   
ALA CA   C N S 2   
ALA C    C N N 3   
ALA O    O N N 4   
ALA CB   C N N 5   
ALA OXT  O N N 6   
ALA H    H N N 7   
ALA H2   H N N 8   
ALA HA   H N N 9   
ALA HB1  H N N 10  
ALA HB2  H N N 11  
ALA HB3  H N N 12  
ALA HXT  H N N 13  
ARG N    N N N 14  
ARG CA   C N S 15  
ARG C    C N N 16  
ARG O    O N N 17  
ARG CB   C N N 18  
ARG CG   C N N 19  
ARG CD   C N N 20  
ARG NE   N N N 21  
ARG CZ   C N N 22  
ARG NH1  N N N 23  
ARG NH2  N N N 24  
ARG OXT  O N N 25  
ARG H    H N N 26  
ARG H2   H N N 27  
ARG HA   H N N 28  
ARG HB2  H N N 29  
ARG HB3  H N N 30  
ARG HG2  H N N 31  
ARG HG3  H N N 32  
ARG HD2  H N N 33  
ARG HD3  H N N 34  
ARG HE   H N N 35  
ARG HH11 H N N 36  
ARG HH12 H N N 37  
ARG HH21 H N N 38  
ARG HH22 H N N 39  
ARG HXT  H N N 40  
ASN N    N N N 41  
ASN CA   C N S 42  
ASN C    C N N 43  
ASN O    O N N 44  
ASN CB   C N N 45  
ASN CG   C N N 46  
ASN OD1  O N N 47  
ASN ND2  N N N 48  
ASN OXT  O N N 49  
ASN H    H N N 50  
ASN H2   H N N 51  
ASN HA   H N N 52  
ASN HB2  H N N 53  
ASN HB3  H N N 54  
ASN HD21 H N N 55  
ASN HD22 H N N 56  
ASN HXT  H N N 57  
ASP N    N N N 58  
ASP CA   C N S 59  
ASP C    C N N 60  
ASP O    O N N 61  
ASP CB   C N N 62  
ASP CG   C N N 63  
ASP OD1  O N N 64  
ASP OD2  O N N 65  
ASP OXT  O N N 66  
ASP H    H N N 67  
ASP H2   H N N 68  
ASP HA   H N N 69  
ASP HB2  H N N 70  
ASP HB3  H N N 71  
ASP HD2  H N N 72  
ASP HXT  H N N 73  
GLN N    N N N 74  
GLN CA   C N S 75  
GLN C    C N N 76  
GLN O    O N N 77  
GLN CB   C N N 78  
GLN CG   C N N 79  
GLN CD   C N N 80  
GLN OE1  O N N 81  
GLN NE2  N N N 82  
GLN OXT  O N N 83  
GLN H    H N N 84  
GLN H2   H N N 85  
GLN HA   H N N 86  
GLN HB2  H N N 87  
GLN HB3  H N N 88  
GLN HG2  H N N 89  
GLN HG3  H N N 90  
GLN HE21 H N N 91  
GLN HE22 H N N 92  
GLN HXT  H N N 93  
GLU N    N N N 94  
GLU CA   C N S 95  
GLU C    C N N 96  
GLU O    O N N 97  
GLU CB   C N N 98  
GLU CG   C N N 99  
GLU CD   C N N 100 
GLU OE1  O N N 101 
GLU OE2  O N N 102 
GLU OXT  O N N 103 
GLU H    H N N 104 
GLU H2   H N N 105 
GLU HA   H N N 106 
GLU HB2  H N N 107 
GLU HB3  H N N 108 
GLU HG2  H N N 109 
GLU HG3  H N N 110 
GLU HE2  H N N 111 
GLU HXT  H N N 112 
GLY N    N N N 113 
GLY CA   C N N 114 
GLY C    C N N 115 
GLY O    O N N 116 
GLY OXT  O N N 117 
GLY H    H N N 118 
GLY H2   H N N 119 
GLY HA2  H N N 120 
GLY HA3  H N N 121 
GLY HXT  H N N 122 
HIS N    N N N 123 
HIS CA   C N S 124 
HIS C    C N N 125 
HIS O    O N N 126 
HIS CB   C N N 127 
HIS CG   C Y N 128 
HIS ND1  N Y N 129 
HIS CD2  C Y N 130 
HIS CE1  C Y N 131 
HIS NE2  N Y N 132 
HIS OXT  O N N 133 
HIS H    H N N 134 
HIS H2   H N N 135 
HIS HA   H N N 136 
HIS HB2  H N N 137 
HIS HB3  H N N 138 
HIS HD1  H N N 139 
HIS HD2  H N N 140 
HIS HE1  H N N 141 
HIS HE2  H N N 142 
HIS HXT  H N N 143 
HOH O    O N N 144 
HOH H1   H N N 145 
HOH H2   H N N 146 
ILE N    N N N 147 
ILE CA   C N S 148 
ILE C    C N N 149 
ILE O    O N N 150 
ILE CB   C N S 151 
ILE CG1  C N N 152 
ILE CG2  C N N 153 
ILE CD1  C N N 154 
ILE OXT  O N N 155 
ILE H    H N N 156 
ILE H2   H N N 157 
ILE HA   H N N 158 
ILE HB   H N N 159 
ILE HG12 H N N 160 
ILE HG13 H N N 161 
ILE HG21 H N N 162 
ILE HG22 H N N 163 
ILE HG23 H N N 164 
ILE HD11 H N N 165 
ILE HD12 H N N 166 
ILE HD13 H N N 167 
ILE HXT  H N N 168 
LEU N    N N N 169 
LEU CA   C N S 170 
LEU C    C N N 171 
LEU O    O N N 172 
LEU CB   C N N 173 
LEU CG   C N N 174 
LEU CD1  C N N 175 
LEU CD2  C N N 176 
LEU OXT  O N N 177 
LEU H    H N N 178 
LEU H2   H N N 179 
LEU HA   H N N 180 
LEU HB2  H N N 181 
LEU HB3  H N N 182 
LEU HG   H N N 183 
LEU HD11 H N N 184 
LEU HD12 H N N 185 
LEU HD13 H N N 186 
LEU HD21 H N N 187 
LEU HD22 H N N 188 
LEU HD23 H N N 189 
LEU HXT  H N N 190 
LYS N    N N N 191 
LYS CA   C N S 192 
LYS C    C N N 193 
LYS O    O N N 194 
LYS CB   C N N 195 
LYS CG   C N N 196 
LYS CD   C N N 197 
LYS CE   C N N 198 
LYS NZ   N N N 199 
LYS OXT  O N N 200 
LYS H    H N N 201 
LYS H2   H N N 202 
LYS HA   H N N 203 
LYS HB2  H N N 204 
LYS HB3  H N N 205 
LYS HG2  H N N 206 
LYS HG3  H N N 207 
LYS HD2  H N N 208 
LYS HD3  H N N 209 
LYS HE2  H N N 210 
LYS HE3  H N N 211 
LYS HZ1  H N N 212 
LYS HZ2  H N N 213 
LYS HZ3  H N N 214 
LYS HXT  H N N 215 
SER N    N N N 216 
SER CA   C N S 217 
SER C    C N N 218 
SER O    O N N 219 
SER CB   C N N 220 
SER OG   O N N 221 
SER OXT  O N N 222 
SER H    H N N 223 
SER H2   H N N 224 
SER HA   H N N 225 
SER HB2  H N N 226 
SER HB3  H N N 227 
SER HG   H N N 228 
SER HXT  H N N 229 
THR N    N N N 230 
THR CA   C N S 231 
THR C    C N N 232 
THR O    O N N 233 
THR CB   C N R 234 
THR OG1  O N N 235 
THR CG2  C N N 236 
THR OXT  O N N 237 
THR H    H N N 238 
THR H2   H N N 239 
THR HA   H N N 240 
THR HB   H N N 241 
THR HG1  H N N 242 
THR HG21 H N N 243 
THR HG22 H N N 244 
THR HG23 H N N 245 
THR HXT  H N N 246 
TRP N    N N N 247 
TRP CA   C N S 248 
TRP C    C N N 249 
TRP O    O N N 250 
TRP CB   C N N 251 
TRP CG   C Y N 252 
TRP CD1  C Y N 253 
TRP CD2  C Y N 254 
TRP NE1  N Y N 255 
TRP CE2  C Y N 256 
TRP CE3  C Y N 257 
TRP CZ2  C Y N 258 
TRP CZ3  C Y N 259 
TRP CH2  C Y N 260 
TRP OXT  O N N 261 
TRP H    H N N 262 
TRP H2   H N N 263 
TRP HA   H N N 264 
TRP HB2  H N N 265 
TRP HB3  H N N 266 
TRP HD1  H N N 267 
TRP HE1  H N N 268 
TRP HE3  H N N 269 
TRP HZ2  H N N 270 
TRP HZ3  H N N 271 
TRP HH2  H N N 272 
TRP HXT  H N N 273 
TYR N    N N N 274 
TYR CA   C N S 275 
TYR C    C N N 276 
TYR O    O N N 277 
TYR CB   C N N 278 
TYR CG   C Y N 279 
TYR CD1  C Y N 280 
TYR CD2  C Y N 281 
TYR CE1  C Y N 282 
TYR CE2  C Y N 283 
TYR CZ   C Y N 284 
TYR OH   O N N 285 
TYR OXT  O N N 286 
TYR H    H N N 287 
TYR H2   H N N 288 
TYR HA   H N N 289 
TYR HB2  H N N 290 
TYR HB3  H N N 291 
TYR HD1  H N N 292 
TYR HD2  H N N 293 
TYR HE1  H N N 294 
TYR HE2  H N N 295 
TYR HH   H N N 296 
TYR HXT  H N N 297 
VAL N    N N N 298 
VAL CA   C N S 299 
VAL C    C N N 300 
VAL O    O N N 301 
VAL CB   C N N 302 
VAL CG1  C N N 303 
VAL CG2  C N N 304 
VAL OXT  O N N 305 
VAL H    H N N 306 
VAL H2   H N N 307 
VAL HA   H N N 308 
VAL HB   H N N 309 
VAL HG11 H N N 310 
VAL HG12 H N N 311 
VAL HG13 H N N 312 
VAL HG21 H N N 313 
VAL HG22 H N N 314 
VAL HG23 H N N 315 
VAL HXT  H N N 316 
# 
loop_
_chem_comp_bond.comp_id 
_chem_comp_bond.atom_id_1 
_chem_comp_bond.atom_id_2 
_chem_comp_bond.value_order 
_chem_comp_bond.pdbx_aromatic_flag 
_chem_comp_bond.pdbx_stereo_config 
_chem_comp_bond.pdbx_ordinal 
ALA N   CA   sing N N 1   
ALA N   H    sing N N 2   
ALA N   H2   sing N N 3   
ALA CA  C    sing N N 4   
ALA CA  CB   sing N N 5   
ALA CA  HA   sing N N 6   
ALA C   O    doub N N 7   
ALA C   OXT  sing N N 8   
ALA CB  HB1  sing N N 9   
ALA CB  HB2  sing N N 10  
ALA CB  HB3  sing N N 11  
ALA OXT HXT  sing N N 12  
ARG N   CA   sing N N 13  
ARG N   H    sing N N 14  
ARG N   H2   sing N N 15  
ARG CA  C    sing N N 16  
ARG CA  CB   sing N N 17  
ARG CA  HA   sing N N 18  
ARG C   O    doub N N 19  
ARG C   OXT  sing N N 20  
ARG CB  CG   sing N N 21  
ARG CB  HB2  sing N N 22  
ARG CB  HB3  sing N N 23  
ARG CG  CD   sing N N 24  
ARG CG  HG2  sing N N 25  
ARG CG  HG3  sing N N 26  
ARG CD  NE   sing N N 27  
ARG CD  HD2  sing N N 28  
ARG CD  HD3  sing N N 29  
ARG NE  CZ   sing N N 30  
ARG NE  HE   sing N N 31  
ARG CZ  NH1  sing N N 32  
ARG CZ  NH2  doub N N 33  
ARG NH1 HH11 sing N N 34  
ARG NH1 HH12 sing N N 35  
ARG NH2 HH21 sing N N 36  
ARG NH2 HH22 sing N N 37  
ARG OXT HXT  sing N N 38  
ASN N   CA   sing N N 39  
ASN N   H    sing N N 40  
ASN N   H2   sing N N 41  
ASN CA  C    sing N N 42  
ASN CA  CB   sing N N 43  
ASN CA  HA   sing N N 44  
ASN C   O    doub N N 45  
ASN C   OXT  sing N N 46  
ASN CB  CG   sing N N 47  
ASN CB  HB2  sing N N 48  
ASN CB  HB3  sing N N 49  
ASN CG  OD1  doub N N 50  
ASN CG  ND2  sing N N 51  
ASN ND2 HD21 sing N N 52  
ASN ND2 HD22 sing N N 53  
ASN OXT HXT  sing N N 54  
ASP N   CA   sing N N 55  
ASP N   H    sing N N 56  
ASP N   H2   sing N N 57  
ASP CA  C    sing N N 58  
ASP CA  CB   sing N N 59  
ASP CA  HA   sing N N 60  
ASP C   O    doub N N 61  
ASP C   OXT  sing N N 62  
ASP CB  CG   sing N N 63  
ASP CB  HB2  sing N N 64  
ASP CB  HB3  sing N N 65  
ASP CG  OD1  doub N N 66  
ASP CG  OD2  sing N N 67  
ASP OD2 HD2  sing N N 68  
ASP OXT HXT  sing N N 69  
GLN N   CA   sing N N 70  
GLN N   H    sing N N 71  
GLN N   H2   sing N N 72  
GLN CA  C    sing N N 73  
GLN CA  CB   sing N N 74  
GLN CA  HA   sing N N 75  
GLN C   O    doub N N 76  
GLN C   OXT  sing N N 77  
GLN CB  CG   sing N N 78  
GLN CB  HB2  sing N N 79  
GLN CB  HB3  sing N N 80  
GLN CG  CD   sing N N 81  
GLN CG  HG2  sing N N 82  
GLN CG  HG3  sing N N 83  
GLN CD  OE1  doub N N 84  
GLN CD  NE2  sing N N 85  
GLN NE2 HE21 sing N N 86  
GLN NE2 HE22 sing N N 87  
GLN OXT HXT  sing N N 88  
GLU N   CA   sing N N 89  
GLU N   H    sing N N 90  
GLU N   H2   sing N N 91  
GLU CA  C    sing N N 92  
GLU CA  CB   sing N N 93  
GLU CA  HA   sing N N 94  
GLU C   O    doub N N 95  
GLU C   OXT  sing N N 96  
GLU CB  CG   sing N N 97  
GLU CB  HB2  sing N N 98  
GLU CB  HB3  sing N N 99  
GLU CG  CD   sing N N 100 
GLU CG  HG2  sing N N 101 
GLU CG  HG3  sing N N 102 
GLU CD  OE1  doub N N 103 
GLU CD  OE2  sing N N 104 
GLU OE2 HE2  sing N N 105 
GLU OXT HXT  sing N N 106 
GLY N   CA   sing N N 107 
GLY N   H    sing N N 108 
GLY N   H2   sing N N 109 
GLY CA  C    sing N N 110 
GLY CA  HA2  sing N N 111 
GLY CA  HA3  sing N N 112 
GLY C   O    doub N N 113 
GLY C   OXT  sing N N 114 
GLY OXT HXT  sing N N 115 
HIS N   CA   sing N N 116 
HIS N   H    sing N N 117 
HIS N   H2   sing N N 118 
HIS CA  C    sing N N 119 
HIS CA  CB   sing N N 120 
HIS CA  HA   sing N N 121 
HIS C   O    doub N N 122 
HIS C   OXT  sing N N 123 
HIS CB  CG   sing N N 124 
HIS CB  HB2  sing N N 125 
HIS CB  HB3  sing N N 126 
HIS CG  ND1  sing Y N 127 
HIS CG  CD2  doub Y N 128 
HIS ND1 CE1  doub Y N 129 
HIS ND1 HD1  sing N N 130 
HIS CD2 NE2  sing Y N 131 
HIS CD2 HD2  sing N N 132 
HIS CE1 NE2  sing Y N 133 
HIS CE1 HE1  sing N N 134 
HIS NE2 HE2  sing N N 135 
HIS OXT HXT  sing N N 136 
HOH O   H1   sing N N 137 
HOH O   H2   sing N N 138 
ILE N   CA   sing N N 139 
ILE N   H    sing N N 140 
ILE N   H2   sing N N 141 
ILE CA  C    sing N N 142 
ILE CA  CB   sing N N 143 
ILE CA  HA   sing N N 144 
ILE C   O    doub N N 145 
ILE C   OXT  sing N N 146 
ILE CB  CG1  sing N N 147 
ILE CB  CG2  sing N N 148 
ILE CB  HB   sing N N 149 
ILE CG1 CD1  sing N N 150 
ILE CG1 HG12 sing N N 151 
ILE CG1 HG13 sing N N 152 
ILE CG2 HG21 sing N N 153 
ILE CG2 HG22 sing N N 154 
ILE CG2 HG23 sing N N 155 
ILE CD1 HD11 sing N N 156 
ILE CD1 HD12 sing N N 157 
ILE CD1 HD13 sing N N 158 
ILE OXT HXT  sing N N 159 
LEU N   CA   sing N N 160 
LEU N   H    sing N N 161 
LEU N   H2   sing N N 162 
LEU CA  C    sing N N 163 
LEU CA  CB   sing N N 164 
LEU CA  HA   sing N N 165 
LEU C   O    doub N N 166 
LEU C   OXT  sing N N 167 
LEU CB  CG   sing N N 168 
LEU CB  HB2  sing N N 169 
LEU CB  HB3  sing N N 170 
LEU CG  CD1  sing N N 171 
LEU CG  CD2  sing N N 172 
LEU CG  HG   sing N N 173 
LEU CD1 HD11 sing N N 174 
LEU CD1 HD12 sing N N 175 
LEU CD1 HD13 sing N N 176 
LEU CD2 HD21 sing N N 177 
LEU CD2 HD22 sing N N 178 
LEU CD2 HD23 sing N N 179 
LEU OXT HXT  sing N N 180 
LYS N   CA   sing N N 181 
LYS N   H    sing N N 182 
LYS N   H2   sing N N 183 
LYS CA  C    sing N N 184 
LYS CA  CB   sing N N 185 
LYS CA  HA   sing N N 186 
LYS C   O    doub N N 187 
LYS C   OXT  sing N N 188 
LYS CB  CG   sing N N 189 
LYS CB  HB2  sing N N 190 
LYS CB  HB3  sing N N 191 
LYS CG  CD   sing N N 192 
LYS CG  HG2  sing N N 193 
LYS CG  HG3  sing N N 194 
LYS CD  CE   sing N N 195 
LYS CD  HD2  sing N N 196 
LYS CD  HD3  sing N N 197 
LYS CE  NZ   sing N N 198 
LYS CE  HE2  sing N N 199 
LYS CE  HE3  sing N N 200 
LYS NZ  HZ1  sing N N 201 
LYS NZ  HZ2  sing N N 202 
LYS NZ  HZ3  sing N N 203 
LYS OXT HXT  sing N N 204 
SER N   CA   sing N N 205 
SER N   H    sing N N 206 
SER N   H2   sing N N 207 
SER CA  C    sing N N 208 
SER CA  CB   sing N N 209 
SER CA  HA   sing N N 210 
SER C   O    doub N N 211 
SER C   OXT  sing N N 212 
SER CB  OG   sing N N 213 
SER CB  HB2  sing N N 214 
SER CB  HB3  sing N N 215 
SER OG  HG   sing N N 216 
SER OXT HXT  sing N N 217 
THR N   CA   sing N N 218 
THR N   H    sing N N 219 
THR N   H2   sing N N 220 
THR CA  C    sing N N 221 
THR CA  CB   sing N N 222 
THR CA  HA   sing N N 223 
THR C   O    doub N N 224 
THR C   OXT  sing N N 225 
THR CB  OG1  sing N N 226 
THR CB  CG2  sing N N 227 
THR CB  HB   sing N N 228 
THR OG1 HG1  sing N N 229 
THR CG2 HG21 sing N N 230 
THR CG2 HG22 sing N N 231 
THR CG2 HG23 sing N N 232 
THR OXT HXT  sing N N 233 
TRP N   CA   sing N N 234 
TRP N   H    sing N N 235 
TRP N   H2   sing N N 236 
TRP CA  C    sing N N 237 
TRP CA  CB   sing N N 238 
TRP CA  HA   sing N N 239 
TRP C   O    doub N N 240 
TRP C   OXT  sing N N 241 
TRP CB  CG   sing N N 242 
TRP CB  HB2  sing N N 243 
TRP CB  HB3  sing N N 244 
TRP CG  CD1  doub Y N 245 
TRP CG  CD2  sing Y N 246 
TRP CD1 NE1  sing Y N 247 
TRP CD1 HD1  sing N N 248 
TRP CD2 CE2  doub Y N 249 
TRP CD2 CE3  sing Y N 250 
TRP NE1 CE2  sing Y N 251 
TRP NE1 HE1  sing N N 252 
TRP CE2 CZ2  sing Y N 253 
TRP CE3 CZ3  doub Y N 254 
TRP CE3 HE3  sing N N 255 
TRP CZ2 CH2  doub Y N 256 
TRP CZ2 HZ2  sing N N 257 
TRP CZ3 CH2  sing Y N 258 
TRP CZ3 HZ3  sing N N 259 
TRP CH2 HH2  sing N N 260 
TRP OXT HXT  sing N N 261 
TYR N   CA   sing N N 262 
TYR N   H    sing N N 263 
TYR N   H2   sing N N 264 
TYR CA  C    sing N N 265 
TYR CA  CB   sing N N 266 
TYR CA  HA   sing N N 267 
TYR C   O    doub N N 268 
TYR C   OXT  sing N N 269 
TYR CB  CG   sing N N 270 
TYR CB  HB2  sing N N 271 
TYR CB  HB3  sing N N 272 
TYR CG  CD1  doub Y N 273 
TYR CG  CD2  sing Y N 274 
TYR CD1 CE1  sing Y N 275 
TYR CD1 HD1  sing N N 276 
TYR CD2 CE2  doub Y N 277 
TYR CD2 HD2  sing N N 278 
TYR CE1 CZ   doub Y N 279 
TYR CE1 HE1  sing N N 280 
TYR CE2 CZ   sing Y N 281 
TYR CE2 HE2  sing N N 282 
TYR CZ  OH   sing N N 283 
TYR OH  HH   sing N N 284 
TYR OXT HXT  sing N N 285 
VAL N   CA   sing N N 286 
VAL N   H    sing N N 287 
VAL N   H2   sing N N 288 
VAL CA  C    sing N N 289 
VAL CA  CB   sing N N 290 
VAL CA  HA   sing N N 291 
VAL C   O    doub N N 292 
VAL C   OXT  sing N N 293 
VAL CB  CG1  sing N N 294 
VAL CB  CG2  sing N N 295 
VAL CB  HB   sing N N 296 
VAL CG1 HG11 sing N N 297 
VAL CG1 HG12 sing N N 298 
VAL CG1 HG13 sing N N 299 
VAL CG2 HG21 sing N N 300 
VAL CG2 HG22 sing N N 301 
VAL CG2 HG23 sing N N 302 
VAL OXT HXT  sing N N 303 
# 
_pdbx_entity_nonpoly.entity_id   3 
_pdbx_entity_nonpoly.name        water 
_pdbx_entity_nonpoly.comp_id     HOH 
# 
_pdbx_initial_refinement_model.id               1 
_pdbx_initial_refinement_model.entity_id_list   ? 
_pdbx_initial_refinement_model.type             'experimental model' 
_pdbx_initial_refinement_model.source_name      PDB 
_pdbx_initial_refinement_model.accession_code   5H0N 
_pdbx_initial_refinement_model.details          ? 
# 
_pdbx_struct_assembly_auth_evidence.id                     1 
_pdbx_struct_assembly_auth_evidence.assembly_id            1 
_pdbx_struct_assembly_auth_evidence.experimental_support   'native gel electrophoresis' 
_pdbx_struct_assembly_auth_evidence.details                ? 
# 
